data_3O0H
#
_entry.id   3O0H
#
_cell.length_a   84.470
_cell.length_b   64.650
_cell.length_c   90.190
_cell.angle_alpha   90.00
_cell.angle_beta   107.24
_cell.angle_gamma   90.00
#
_symmetry.space_group_name_H-M   'P 1 21 1'
#
loop_
_entity.id
_entity.type
_entity.pdbx_description
1 polymer 'Glutathione reductase'
2 non-polymer 'CHLORIDE ION'
3 non-polymer 'FLAVIN-ADENINE DINUCLEOTIDE'
4 water water
#
_entity_poly.entity_id   1
_entity_poly.type   'polypeptide(L)'
_entity_poly.pdbx_seq_one_letter_code
;MAHHHHHHMGTLEAQTQGPGSMGSFDFDLFVIGSGSGGVRAARLAGALGKRVAIAEEYRIGGTCVIRGCVPKKLYFYASQ
YAQEFSKSIGFGWKYADPIFNWEKLVAAKNKEISRLEGLYREGLQNSNVHIYESRAVFVDEHTLELSVTGERISAEKILI
ATGAKIVSNSAIKGSDLCLTSNEIFDLEKLPKSIVIVGGGYIGVEFANIFHGLGVKTTLLHRGDLILRNFDYDLRQLLND
AMVAKGISIIYEATVSQVQSTENCYNVVLTNGQTICADRVMLATGRVPNTTGLGLERAGVKVNEFGAVVVDEKMTTNVSH
IWAVGDVTGHIQLTPVAIHDAMCFVKNAFENTSTTPDYDLITTAVFSQPEIGTVGLSEEDALHRYKRVEIYRTVFRPMRN
VLSGSPEKMFMKLVVDGESRIVVGAHVLGENAGEIAQLIGISLKGKLTKDIFDKTMAVHPTMSEELVTMYKPSYVYENGE
KLDN
;
_entity_poly.pdbx_strand_id   A,B
#
# COMPACT_ATOMS: atom_id res chain seq x y z
N SER A 24 25.33 -10.55 -45.14
CA SER A 24 24.96 -9.29 -45.80
C SER A 24 25.14 -8.02 -44.94
N PHE A 25 24.51 -7.95 -43.78
CA PHE A 25 24.65 -6.77 -42.91
C PHE A 25 25.47 -7.11 -41.69
N ASP A 26 26.08 -6.11 -41.06
CA ASP A 26 26.91 -6.34 -39.85
C ASP A 26 26.09 -6.93 -38.69
N PHE A 27 24.86 -6.44 -38.52
CA PHE A 27 23.98 -6.91 -37.45
C PHE A 27 22.60 -7.17 -37.97
N ASP A 28 21.89 -8.08 -37.31
CA ASP A 28 20.47 -8.30 -37.56
C ASP A 28 19.70 -7.08 -37.04
N LEU A 29 20.13 -6.57 -35.88
CA LEU A 29 19.46 -5.43 -35.22
C LEU A 29 20.51 -4.49 -34.61
N PHE A 30 20.34 -3.19 -34.84
CA PHE A 30 21.10 -2.18 -34.19
C PHE A 30 20.10 -1.26 -33.41
N VAL A 31 20.28 -1.16 -32.10
CA VAL A 31 19.45 -0.37 -31.21
C VAL A 31 20.18 0.92 -30.86
N ILE A 32 19.54 2.04 -31.11
CA ILE A 32 20.10 3.33 -30.80
C ILE A 32 19.49 3.83 -29.49
N GLY A 33 20.30 3.84 -28.44
CA GLY A 33 19.81 4.21 -27.08
C GLY A 33 19.69 3.00 -26.17
N SER A 34 20.28 3.10 -24.98
CA SER A 34 20.24 2.02 -24.00
CA SER A 34 20.25 2.01 -23.99
C SER A 34 19.44 2.35 -22.72
N GLY A 35 18.31 3.02 -22.88
CA GLY A 35 17.39 3.25 -21.80
C GLY A 35 16.39 2.14 -21.64
N SER A 36 15.29 2.42 -20.94
CA SER A 36 14.28 1.40 -20.63
C SER A 36 13.79 0.55 -21.82
N GLY A 37 13.45 1.22 -22.91
CA GLY A 37 13.02 0.58 -24.12
C GLY A 37 14.13 -0.14 -24.88
N GLY A 38 15.19 0.60 -25.23
CA GLY A 38 16.28 0.07 -26.04
C GLY A 38 16.97 -1.09 -25.36
N VAL A 39 17.23 -0.96 -24.07
CA VAL A 39 17.91 -2.05 -23.36
C VAL A 39 17.07 -3.32 -23.31
N ARG A 40 15.76 -3.20 -23.12
CA ARG A 40 14.90 -4.38 -23.12
C ARG A 40 14.82 -5.05 -24.49
N ALA A 41 14.67 -4.23 -25.52
CA ALA A 41 14.62 -4.78 -26.88
C ALA A 41 15.90 -5.54 -27.23
N ALA A 42 17.02 -4.90 -26.98
CA ALA A 42 18.33 -5.47 -27.29
C ALA A 42 18.55 -6.80 -26.54
N ARG A 43 18.23 -6.84 -25.26
CA ARG A 43 18.43 -8.08 -24.48
C ARG A 43 17.55 -9.19 -24.96
N LEU A 44 16.29 -8.86 -25.29
CA LEU A 44 15.38 -9.87 -25.80
C LEU A 44 15.85 -10.43 -27.14
N ALA A 45 16.17 -9.53 -28.06
CA ALA A 45 16.61 -9.94 -29.38
C ALA A 45 17.91 -10.77 -29.28
N GLY A 46 18.85 -10.35 -28.46
CA GLY A 46 20.11 -11.11 -28.27
C GLY A 46 19.85 -12.50 -27.73
N ALA A 47 18.94 -12.59 -26.75
CA ALA A 47 18.53 -13.88 -26.20
C ALA A 47 17.91 -14.81 -27.26
N LEU A 48 17.28 -14.24 -28.30
CA LEU A 48 16.76 -15.07 -29.40
C LEU A 48 17.81 -15.58 -30.37
N GLY A 49 19.06 -15.20 -30.20
CA GLY A 49 20.11 -15.67 -31.08
C GLY A 49 20.46 -14.75 -32.23
N LYS A 50 19.86 -13.55 -32.22
CA LYS A 50 20.10 -12.56 -33.25
C LYS A 50 21.41 -11.84 -32.97
N ARG A 51 22.02 -11.32 -34.02
CA ARG A 51 23.25 -10.54 -33.89
C ARG A 51 22.77 -9.12 -33.64
N VAL A 52 22.98 -8.65 -32.42
CA VAL A 52 22.44 -7.36 -31.97
C VAL A 52 23.56 -6.46 -31.46
N ALA A 53 23.46 -5.17 -31.82
CA ALA A 53 24.34 -4.16 -31.28
C ALA A 53 23.49 -3.10 -30.67
N ILE A 54 24.08 -2.37 -29.71
CA ILE A 54 23.41 -1.22 -29.08
C ILE A 54 24.43 -0.09 -28.93
N ALA A 55 23.99 1.15 -29.18
CA ALA A 55 24.82 2.34 -29.09
C ALA A 55 24.26 3.20 -27.95
N GLU A 56 25.13 3.61 -27.04
CA GLU A 56 24.76 4.52 -25.97
C GLU A 56 25.79 5.64 -25.90
N GLU A 57 25.33 6.88 -26.04
CA GLU A 57 26.24 8.02 -26.04
C GLU A 57 26.59 8.50 -24.64
N TYR A 58 25.78 8.16 -23.64
CA TYR A 58 26.01 8.66 -22.29
C TYR A 58 26.16 7.45 -21.37
N ARG A 59 25.13 7.07 -20.63
CA ARG A 59 25.30 5.94 -19.67
C ARG A 59 24.26 4.84 -19.86
N ILE A 60 24.74 3.62 -19.85
CA ILE A 60 23.88 2.45 -20.00
C ILE A 60 22.78 2.40 -18.92
N GLY A 61 21.52 2.18 -19.33
CA GLY A 61 20.37 2.20 -18.45
C GLY A 61 19.43 3.38 -18.69
N GLY A 62 19.96 4.45 -19.26
CA GLY A 62 19.13 5.57 -19.71
C GLY A 62 18.55 6.44 -18.61
N THR A 63 17.53 7.21 -18.98
CA THR A 63 17.12 8.37 -18.21
C THR A 63 16.55 7.94 -16.85
N CYS A 64 15.77 6.89 -16.85
CA CYS A 64 15.10 6.46 -15.60
C CYS A 64 16.14 6.02 -14.57
N VAL A 65 17.12 5.24 -15.01
CA VAL A 65 18.14 4.72 -14.10
C VAL A 65 19.10 5.80 -13.61
N ILE A 66 19.53 6.67 -14.53
CA ILE A 66 20.65 7.54 -14.31
C ILE A 66 20.20 8.90 -13.76
N ARG A 67 19.09 9.44 -14.26
CA ARG A 67 18.69 10.82 -13.90
C ARG A 67 17.19 11.05 -14.03
N GLY A 68 16.43 10.04 -13.60
CA GLY A 68 14.98 10.05 -13.76
C GLY A 68 14.31 9.35 -12.58
N CYS A 69 13.45 8.38 -12.88
CA CYS A 69 12.64 7.73 -11.85
C CYS A 69 13.47 7.25 -10.65
N VAL A 70 14.59 6.59 -10.90
CA VAL A 70 15.35 6.01 -9.80
C VAL A 70 15.87 7.07 -8.81
N PRO A 71 16.74 8.00 -9.26
CA PRO A 71 17.21 8.96 -8.29
C PRO A 71 16.13 9.89 -7.76
N LYS A 72 15.08 10.17 -8.54
CA LYS A 72 13.97 10.97 -8.06
C LYS A 72 13.36 10.27 -6.83
N LYS A 73 13.19 8.95 -6.95
CA LYS A 73 12.54 8.20 -5.90
C LYS A 73 13.47 8.16 -4.68
N LEU A 74 14.77 8.04 -4.90
CA LEU A 74 15.71 8.10 -3.77
C LEU A 74 15.62 9.41 -3.01
N TYR A 75 15.50 10.51 -3.76
CA TYR A 75 15.50 11.83 -3.16
C TYR A 75 14.16 12.09 -2.45
N PHE A 76 13.09 11.57 -3.04
CA PHE A 76 11.78 11.54 -2.41
C PHE A 76 11.86 10.84 -1.03
N TYR A 77 12.47 9.66 -0.97
CA TYR A 77 12.56 8.93 0.29
C TYR A 77 13.40 9.73 1.29
N ALA A 78 14.49 10.34 0.82
CA ALA A 78 15.34 11.15 1.68
C ALA A 78 14.51 12.28 2.32
N SER A 79 13.71 12.96 1.50
CA SER A 79 12.90 14.07 2.00
CA SER A 79 12.87 14.06 1.95
C SER A 79 11.84 13.59 2.97
N GLN A 80 11.34 12.40 2.76
CA GLN A 80 10.26 11.89 3.61
C GLN A 80 10.63 11.65 5.05
N TYR A 81 11.90 11.28 5.31
CA TYR A 81 12.34 10.98 6.66
C TYR A 81 12.12 12.15 7.63
N ALA A 82 12.16 13.37 7.13
CA ALA A 82 11.89 14.57 7.95
C ALA A 82 10.54 14.48 8.67
N GLN A 83 9.53 13.97 7.98
CA GLN A 83 8.21 13.90 8.58
C GLN A 83 8.11 12.73 9.52
N GLU A 84 8.91 11.68 9.28
CA GLU A 84 8.94 10.54 10.18
C GLU A 84 9.43 10.97 11.53
N PHE A 85 10.47 11.79 11.54
CA PHE A 85 10.99 12.28 12.82
C PHE A 85 9.90 13.07 13.55
N SER A 86 9.18 13.96 12.86
CA SER A 86 8.20 14.78 13.57
C SER A 86 6.96 13.96 13.98
N LYS A 87 6.57 12.98 13.18
CA LYS A 87 5.43 12.15 13.56
C LYS A 87 5.74 11.27 14.77
N SER A 88 7.01 10.91 14.98
CA SER A 88 7.35 9.99 16.08
C SER A 88 7.08 10.59 17.46
N ILE A 89 7.15 11.91 17.55
CA ILE A 89 7.02 12.61 18.82
C ILE A 89 5.70 12.28 19.50
N GLY A 90 4.59 12.30 18.78
CA GLY A 90 3.28 12.00 19.34
C GLY A 90 3.14 10.59 19.87
N PHE A 91 4.00 9.68 19.40
CA PHE A 91 3.94 8.26 19.81
C PHE A 91 4.86 7.95 21.01
N GLY A 92 5.50 9.00 21.56
CA GLY A 92 6.31 8.89 22.75
C GLY A 92 7.81 8.94 22.57
N TRP A 93 8.26 9.15 21.34
CA TRP A 93 9.69 9.32 21.07
C TRP A 93 10.14 10.76 21.32
N LYS A 94 11.27 10.92 22.02
CA LYS A 94 11.82 12.25 22.18
C LYS A 94 12.37 12.81 20.86
N TYR A 95 12.42 14.14 20.78
CA TYR A 95 12.98 14.80 19.62
C TYR A 95 14.43 14.34 19.51
N ALA A 96 14.82 13.92 18.30
CA ALA A 96 16.12 13.27 18.10
C ALA A 96 17.12 14.16 17.34
N ASP A 97 16.85 15.47 17.27
CA ASP A 97 17.69 16.43 16.55
C ASP A 97 18.14 15.94 15.17
N PRO A 98 17.19 15.62 14.29
CA PRO A 98 17.61 15.06 13.04
C PRO A 98 18.24 16.12 12.15
N ILE A 99 19.35 15.76 11.49
CA ILE A 99 20.06 16.65 10.61
C ILE A 99 20.40 15.95 9.32
N PHE A 100 20.10 16.61 8.21
CA PHE A 100 20.29 16.03 6.89
C PHE A 100 21.55 16.61 6.23
N ASN A 101 22.25 15.76 5.48
CA ASN A 101 23.50 16.15 4.81
C ASN A 101 23.42 15.78 3.32
N TRP A 102 23.24 16.79 2.48
CA TRP A 102 23.02 16.61 1.05
C TRP A 102 24.16 15.82 0.37
N GLU A 103 25.40 16.18 0.71
CA GLU A 103 26.57 15.56 0.10
C GLU A 103 26.51 14.02 0.28
N LYS A 104 26.02 13.55 1.43
CA LYS A 104 25.94 12.10 1.68
C LYS A 104 24.90 11.44 0.80
N LEU A 105 23.77 12.13 0.62
CA LEU A 105 22.71 11.66 -0.29
C LEU A 105 23.24 11.50 -1.71
N VAL A 106 23.90 12.55 -2.18
CA VAL A 106 24.44 12.54 -3.55
C VAL A 106 25.42 11.38 -3.75
N ALA A 107 26.28 11.16 -2.78
CA ALA A 107 27.25 10.05 -2.87
C ALA A 107 26.51 8.71 -2.88
N ALA A 108 25.47 8.60 -2.05
CA ALA A 108 24.67 7.34 -1.97
C ALA A 108 23.94 7.08 -3.30
N LYS A 109 23.46 8.15 -3.92
CA LYS A 109 22.76 8.05 -5.20
C LYS A 109 23.76 7.60 -6.28
N ASN A 110 24.95 8.21 -6.27
CA ASN A 110 25.92 7.92 -7.32
C ASN A 110 26.35 6.43 -7.26
N LYS A 111 26.44 5.91 -6.05
CA LYS A 111 26.81 4.52 -5.85
C LYS A 111 25.76 3.59 -6.41
N GLU A 112 24.50 3.88 -6.13
CA GLU A 112 23.39 3.05 -6.54
C GLU A 112 23.17 3.16 -8.05
N ILE A 113 23.18 4.37 -8.62
CA ILE A 113 23.02 4.46 -10.05
C ILE A 113 24.14 3.76 -10.83
N SER A 114 25.37 3.83 -10.32
CA SER A 114 26.48 3.08 -10.87
CA SER A 114 26.49 3.05 -10.86
C SER A 114 26.27 1.54 -10.76
N ARG A 115 25.72 1.09 -9.63
CA ARG A 115 25.37 -0.33 -9.44
C ARG A 115 24.37 -0.80 -10.54
N LEU A 116 23.35 0.01 -10.76
CA LEU A 116 22.25 -0.39 -11.66
C LEU A 116 22.73 -0.37 -13.10
N GLU A 117 23.49 0.65 -13.43
CA GLU A 117 24.18 0.77 -14.71
C GLU A 117 24.97 -0.50 -15.07
N GLY A 118 25.75 -1.01 -14.13
CA GLY A 118 26.52 -2.22 -14.36
C GLY A 118 25.66 -3.46 -14.55
N LEU A 119 24.54 -3.52 -13.86
CA LEU A 119 23.66 -4.69 -14.00
C LEU A 119 23.01 -4.67 -15.40
N TYR A 120 22.65 -3.48 -15.88
CA TYR A 120 22.11 -3.36 -17.23
C TYR A 120 23.18 -3.70 -18.28
N ARG A 121 24.42 -3.27 -18.03
CA ARG A 121 25.55 -3.66 -18.87
C ARG A 121 25.74 -5.17 -18.89
N GLU A 122 25.74 -5.78 -17.70
CA GLU A 122 25.82 -7.25 -17.58
C GLU A 122 24.70 -7.97 -18.33
N GLY A 123 23.47 -7.48 -18.21
CA GLY A 123 22.32 -7.99 -18.97
C GLY A 123 22.58 -8.00 -20.46
N LEU A 124 23.06 -6.86 -20.97
CA LEU A 124 23.41 -6.79 -22.38
C LEU A 124 24.46 -7.82 -22.76
N GLN A 125 25.51 -7.95 -21.96
CA GLN A 125 26.61 -8.90 -22.24
C GLN A 125 26.14 -10.35 -22.18
N ASN A 126 25.27 -10.62 -21.21
CA ASN A 126 24.66 -11.95 -21.07
C ASN A 126 23.86 -12.36 -22.29
N SER A 127 23.22 -11.38 -22.96
CA SER A 127 22.47 -11.60 -24.20
C SER A 127 23.33 -11.48 -25.45
N ASN A 128 24.63 -11.36 -25.26
CA ASN A 128 25.63 -11.17 -26.32
C ASN A 128 25.32 -10.00 -27.24
N VAL A 129 24.85 -8.92 -26.64
CA VAL A 129 24.69 -7.65 -27.33
C VAL A 129 26.05 -6.92 -27.42
N HIS A 130 26.44 -6.53 -28.63
CA HIS A 130 27.68 -5.80 -28.80
C HIS A 130 27.41 -4.37 -28.37
N ILE A 131 28.17 -3.88 -27.39
CA ILE A 131 27.93 -2.53 -26.91
C ILE A 131 28.92 -1.55 -27.55
N TYR A 132 28.37 -0.48 -28.13
CA TYR A 132 29.15 0.67 -28.56
C TYR A 132 28.88 1.86 -27.66
N GLU A 133 29.95 2.37 -27.04
CA GLU A 133 29.91 3.54 -26.20
CA GLU A 133 29.90 3.56 -26.21
C GLU A 133 30.18 4.75 -27.10
N SER A 134 29.13 5.21 -27.79
CA SER A 134 29.22 6.33 -28.70
C SER A 134 27.81 6.71 -29.12
N ARG A 135 27.65 7.95 -29.53
CA ARG A 135 26.50 8.36 -30.30
C ARG A 135 26.50 7.62 -31.63
N ALA A 136 25.33 7.18 -32.04
CA ALA A 136 25.13 6.63 -33.37
C ALA A 136 24.31 7.60 -34.21
N VAL A 137 24.69 7.74 -35.48
CA VAL A 137 24.13 8.71 -36.44
C VAL A 137 23.85 7.90 -37.70
N PHE A 138 22.66 8.07 -38.28
CA PHE A 138 22.38 7.46 -39.57
C PHE A 138 23.23 8.11 -40.68
N VAL A 139 23.81 7.26 -41.53
CA VAL A 139 24.50 7.68 -42.75
C VAL A 139 23.61 7.36 -43.98
N ASP A 140 22.93 6.23 -43.93
CA ASP A 140 21.85 5.92 -44.83
C ASP A 140 20.90 5.00 -44.12
N GLU A 141 19.88 4.51 -44.84
CA GLU A 141 18.80 3.82 -44.18
C GLU A 141 19.21 2.53 -43.48
N HIS A 142 20.36 1.97 -43.86
CA HIS A 142 20.84 0.73 -43.24
C HIS A 142 22.16 0.89 -42.51
N THR A 143 22.68 2.12 -42.40
CA THR A 143 24.04 2.33 -41.94
C THR A 143 24.14 3.42 -40.93
N LEU A 144 24.80 3.11 -39.83
CA LEU A 144 25.07 4.05 -38.75
C LEU A 144 26.54 4.34 -38.67
N GLU A 145 26.88 5.55 -38.26
CA GLU A 145 28.25 5.92 -38.00
C GLU A 145 28.37 6.21 -36.51
N LEU A 146 29.35 5.60 -35.86
CA LEU A 146 29.68 5.94 -34.48
C LEU A 146 30.51 7.19 -34.43
N SER A 147 29.99 8.21 -33.77
CA SER A 147 30.68 9.48 -33.66
C SER A 147 32.11 9.43 -33.02
N VAL A 148 32.31 8.57 -32.02
CA VAL A 148 33.62 8.53 -31.31
C VAL A 148 34.73 8.06 -32.22
N THR A 149 34.47 7.02 -33.00
CA THR A 149 35.49 6.41 -33.83
C THR A 149 35.39 6.68 -35.35
N GLY A 150 34.22 7.16 -35.82
CA GLY A 150 33.94 7.27 -37.24
C GLY A 150 33.59 5.95 -37.90
N GLU A 151 33.57 4.85 -37.13
CA GLU A 151 33.25 3.55 -37.69
C GLU A 151 31.82 3.47 -38.27
N ARG A 152 31.67 2.82 -39.42
CA ARG A 152 30.30 2.60 -39.96
C ARG A 152 29.87 1.15 -39.77
N ILE A 153 28.62 0.98 -39.35
CA ILE A 153 28.05 -0.35 -39.03
C ILE A 153 26.73 -0.48 -39.75
N SER A 154 26.53 -1.55 -40.50
CA SER A 154 25.28 -1.78 -41.24
C SER A 154 24.39 -2.72 -40.42
N ALA A 155 23.10 -2.59 -40.61
CA ALA A 155 22.12 -3.35 -39.87
C ALA A 155 20.89 -3.61 -40.74
N GLU A 156 20.39 -4.84 -40.67
CA GLU A 156 19.17 -5.20 -41.37
C GLU A 156 17.94 -4.47 -40.85
N LYS A 157 17.79 -4.46 -39.52
CA LYS A 157 16.75 -3.73 -38.83
C LYS A 157 17.36 -2.77 -37.83
N ILE A 158 16.70 -1.64 -37.61
CA ILE A 158 17.22 -0.65 -36.68
C ILE A 158 16.10 -0.20 -35.81
N LEU A 159 16.40 -0.07 -34.53
CA LEU A 159 15.45 0.41 -33.54
C LEU A 159 15.90 1.74 -32.96
N ILE A 160 15.06 2.78 -33.09
CA ILE A 160 15.33 4.09 -32.51
C ILE A 160 14.71 4.11 -31.12
N ALA A 161 15.54 4.29 -30.09
CA ALA A 161 15.07 4.27 -28.67
C ALA A 161 15.81 5.34 -27.87
N THR A 162 15.82 6.54 -28.44
CA THR A 162 16.68 7.63 -28.00
C THR A 162 16.05 8.53 -26.93
N GLY A 163 14.81 8.25 -26.55
CA GLY A 163 14.23 8.95 -25.40
C GLY A 163 13.77 10.35 -25.72
N ALA A 164 13.72 11.16 -24.67
CA ALA A 164 13.32 12.52 -24.72
C ALA A 164 14.39 13.42 -24.13
N LYS A 165 14.15 14.72 -24.19
CA LYS A 165 15.09 15.70 -23.70
C LYS A 165 14.34 16.95 -23.27
N ILE A 166 14.96 17.74 -22.41
CA ILE A 166 14.35 19.01 -22.00
C ILE A 166 14.07 19.91 -23.20
N VAL A 167 12.96 20.65 -23.18
CA VAL A 167 12.66 21.70 -24.18
C VAL A 167 13.74 22.81 -24.21
N SER A 168 13.94 23.41 -25.38
CA SER A 168 14.96 24.45 -25.60
C SER A 168 14.83 25.67 -24.69
N ASN A 169 13.61 25.96 -24.21
CA ASN A 169 13.35 27.16 -23.43
C ASN A 169 13.92 28.42 -24.12
N ILE A 172 13.14 32.32 -23.09
CA ILE A 172 13.47 32.86 -21.79
C ILE A 172 14.96 33.22 -21.77
N LYS A 173 15.25 34.52 -21.72
CA LYS A 173 16.62 35.01 -21.57
C LYS A 173 17.12 34.61 -20.19
N GLY A 174 18.40 34.21 -20.12
CA GLY A 174 19.02 33.73 -18.88
C GLY A 174 18.65 32.28 -18.58
N SER A 175 17.99 31.60 -19.51
CA SER A 175 17.62 30.21 -19.28
C SER A 175 18.86 29.32 -19.08
N ASP A 176 19.99 29.72 -19.64
CA ASP A 176 21.25 29.01 -19.43
C ASP A 176 21.80 29.16 -18.00
N LEU A 177 21.13 29.96 -17.17
CA LEU A 177 21.49 30.07 -15.76
C LEU A 177 20.69 29.08 -14.91
N CYS A 178 19.72 28.41 -15.50
CA CYS A 178 18.89 27.49 -14.72
C CYS A 178 19.33 26.01 -14.83
N LEU A 179 19.00 25.25 -13.81
CA LEU A 179 19.17 23.83 -13.77
C LEU A 179 17.97 23.14 -14.42
N THR A 180 18.19 21.94 -14.90
CA THR A 180 17.11 21.02 -15.21
C THR A 180 17.29 19.73 -14.38
N SER A 181 16.36 18.80 -14.55
CA SER A 181 16.47 17.47 -13.90
C SER A 181 17.79 16.75 -14.22
N ASN A 182 18.45 17.14 -15.30
CA ASN A 182 19.72 16.52 -15.65
C ASN A 182 20.84 16.89 -14.67
N GLU A 183 20.75 18.08 -14.06
CA GLU A 183 21.76 18.57 -13.09
C GLU A 183 21.27 18.60 -11.66
N ILE A 184 19.96 18.48 -11.46
CA ILE A 184 19.33 18.77 -10.16
C ILE A 184 19.82 17.84 -9.07
N PHE A 185 20.22 16.62 -9.44
CA PHE A 185 20.60 15.64 -8.43
C PHE A 185 22.00 15.89 -7.87
N ASP A 186 22.80 16.68 -8.59
CA ASP A 186 24.24 16.78 -8.37
C ASP A 186 24.69 18.16 -7.88
N LEU A 187 23.75 18.95 -7.38
CA LEU A 187 24.14 20.25 -6.79
C LEU A 187 25.28 20.03 -5.78
N GLU A 188 26.25 20.95 -5.75
CA GLU A 188 27.34 20.90 -4.77
C GLU A 188 26.83 21.02 -3.33
N LYS A 189 25.74 21.74 -3.11
CA LYS A 189 25.16 21.81 -1.77
C LYS A 189 23.66 22.12 -1.85
N LEU A 190 22.94 21.86 -0.76
CA LEU A 190 21.54 22.18 -0.69
C LEU A 190 21.33 23.69 -0.69
N PRO A 191 20.46 24.16 -1.57
CA PRO A 191 20.27 25.60 -1.62
C PRO A 191 19.41 26.06 -0.45
N LYS A 192 19.55 27.33 -0.09
CA LYS A 192 18.70 27.95 0.94
C LYS A 192 17.29 28.14 0.38
N SER A 193 17.21 28.47 -0.90
CA SER A 193 15.94 28.67 -1.59
C SER A 193 16.02 28.20 -3.05
N ILE A 194 14.88 27.85 -3.62
CA ILE A 194 14.82 27.36 -5.01
C ILE A 194 13.50 27.75 -5.62
N VAL A 195 13.55 28.15 -6.90
CA VAL A 195 12.36 28.37 -7.70
C VAL A 195 12.27 27.26 -8.75
N ILE A 196 11.12 26.61 -8.80
CA ILE A 196 10.87 25.53 -9.74
C ILE A 196 9.88 26.05 -10.79
N VAL A 197 10.27 25.96 -12.06
CA VAL A 197 9.45 26.46 -13.15
C VAL A 197 8.77 25.27 -13.81
N GLY A 198 7.50 25.08 -13.50
CA GLY A 198 6.66 24.14 -14.22
C GLY A 198 5.87 23.34 -13.23
N GLY A 199 4.56 23.20 -13.45
CA GLY A 199 3.70 22.50 -12.51
C GLY A 199 3.16 21.17 -13.01
N GLY A 200 3.93 20.50 -13.86
CA GLY A 200 3.70 19.10 -14.17
C GLY A 200 4.27 18.20 -13.08
N TYR A 201 4.29 16.89 -13.34
CA TYR A 201 4.68 15.94 -12.29
C TYR A 201 6.13 16.17 -11.81
N ILE A 202 7.05 16.49 -12.71
CA ILE A 202 8.47 16.64 -12.30
C ILE A 202 8.63 17.88 -11.42
N GLY A 203 7.98 18.96 -11.80
CA GLY A 203 8.01 20.14 -10.94
C GLY A 203 7.45 19.96 -9.54
N VAL A 204 6.30 19.31 -9.43
CA VAL A 204 5.67 19.13 -8.10
C VAL A 204 6.43 18.13 -7.24
N GLU A 205 7.03 17.12 -7.87
CA GLU A 205 7.89 16.15 -7.15
C GLU A 205 9.12 16.85 -6.55
N PHE A 206 9.83 17.61 -7.37
CA PHE A 206 11.00 18.35 -6.86
C PHE A 206 10.64 19.46 -5.89
N ALA A 207 9.50 20.14 -6.10
CA ALA A 207 9.11 21.15 -5.09
C ALA A 207 8.96 20.53 -3.69
N ASN A 208 8.29 19.39 -3.65
CA ASN A 208 8.14 18.67 -2.38
C ASN A 208 9.39 18.03 -1.82
N ILE A 209 10.28 17.56 -2.68
CA ILE A 209 11.58 17.03 -2.22
C ILE A 209 12.34 18.16 -1.54
N PHE A 210 12.52 19.28 -2.23
CA PHE A 210 13.34 20.33 -1.67
C PHE A 210 12.70 20.97 -0.41
N HIS A 211 11.40 21.25 -0.46
CA HIS A 211 10.72 21.75 0.73
C HIS A 211 10.91 20.83 1.93
N GLY A 212 10.79 19.53 1.70
CA GLY A 212 10.93 18.55 2.77
C GLY A 212 12.31 18.58 3.41
N LEU A 213 13.30 18.88 2.57
CA LEU A 213 14.71 19.00 2.99
C LEU A 213 15.00 20.40 3.59
N GLY A 214 13.97 21.24 3.70
CA GLY A 214 14.11 22.54 4.40
C GLY A 214 14.39 23.74 3.51
N VAL A 215 14.27 23.58 2.20
CA VAL A 215 14.56 24.65 1.24
C VAL A 215 13.31 25.52 1.07
N LYS A 216 13.46 26.86 1.10
CA LYS A 216 12.34 27.76 0.83
C LYS A 216 12.02 27.61 -0.63
N THR A 217 10.82 27.09 -0.90
CA THR A 217 10.47 26.61 -2.22
C THR A 217 9.31 27.39 -2.80
N THR A 218 9.48 27.80 -4.04
CA THR A 218 8.45 28.51 -4.81
C THR A 218 8.30 27.75 -6.13
N LEU A 219 7.05 27.50 -6.53
CA LEU A 219 6.76 26.74 -7.71
C LEU A 219 5.95 27.66 -8.57
N LEU A 220 6.41 27.85 -9.81
CA LEU A 220 5.73 28.73 -10.78
C LEU A 220 5.00 27.89 -11.83
N HIS A 221 3.77 28.25 -12.12
CA HIS A 221 2.99 27.52 -13.12
C HIS A 221 2.23 28.51 -14.04
N ARG A 222 2.30 28.24 -15.35
CA ARG A 222 1.76 29.10 -16.39
C ARG A 222 0.24 29.18 -16.35
N GLY A 223 -0.40 28.15 -15.81
CA GLY A 223 -1.86 28.06 -15.78
C GLY A 223 -2.45 28.33 -14.42
N ASP A 224 -3.65 27.82 -14.17
CA ASP A 224 -4.38 28.15 -12.95
C ASP A 224 -4.30 27.12 -11.84
N LEU A 225 -3.82 25.92 -12.16
CA LEU A 225 -3.74 24.84 -11.18
C LEU A 225 -2.75 23.79 -11.65
N ILE A 226 -1.93 23.31 -10.74
CA ILE A 226 -0.95 22.27 -11.03
C ILE A 226 -1.60 20.98 -11.58
N LEU A 227 -0.78 20.23 -12.30
CA LEU A 227 -1.11 18.87 -12.76
C LEU A 227 -2.32 18.77 -13.70
N ARG A 228 -2.28 19.58 -14.73
CA ARG A 228 -3.18 19.50 -15.84
C ARG A 228 -3.31 18.03 -16.28
N ASN A 229 -4.52 17.65 -16.65
CA ASN A 229 -4.88 16.30 -17.12
C ASN A 229 -4.99 15.19 -16.04
N PHE A 230 -4.89 15.58 -14.78
CA PHE A 230 -5.23 14.69 -13.67
C PHE A 230 -6.63 15.02 -13.13
N ASP A 231 -7.26 14.06 -12.44
CA ASP A 231 -8.55 14.28 -11.79
C ASP A 231 -8.48 15.55 -10.92
N TYR A 232 -9.51 16.38 -11.02
CA TYR A 232 -9.49 17.67 -10.34
CA TYR A 232 -9.50 17.68 -10.32
C TYR A 232 -9.22 17.57 -8.82
N ASP A 233 -9.77 16.56 -8.14
CA ASP A 233 -9.55 16.43 -6.70
C ASP A 233 -8.06 16.23 -6.42
N LEU A 234 -7.39 15.43 -7.25
CA LEU A 234 -5.97 15.19 -7.03
C LEU A 234 -5.23 16.53 -7.15
N ARG A 235 -5.55 17.29 -8.19
CA ARG A 235 -4.88 18.58 -8.44
C ARG A 235 -5.07 19.55 -7.28
N GLN A 236 -6.33 19.66 -6.84
CA GLN A 236 -6.71 20.65 -5.85
C GLN A 236 -6.22 20.28 -4.44
N LEU A 237 -6.39 19.03 -4.05
CA LEU A 237 -5.94 18.58 -2.73
C LEU A 237 -4.41 18.64 -2.59
N LEU A 238 -3.66 18.28 -3.64
CA LEU A 238 -2.20 18.45 -3.62
C LEU A 238 -1.84 19.92 -3.54
N ASN A 239 -2.49 20.74 -4.35
CA ASN A 239 -2.22 22.16 -4.30
C ASN A 239 -2.41 22.67 -2.87
N ASP A 240 -3.56 22.34 -2.28
CA ASP A 240 -3.87 22.87 -0.97
C ASP A 240 -2.87 22.41 0.08
N ALA A 241 -2.49 21.13 0.05
CA ALA A 241 -1.51 20.59 0.99
C ALA A 241 -0.14 21.27 0.83
N MET A 242 0.28 21.53 -0.40
CA MET A 242 1.61 22.12 -0.63
C MET A 242 1.67 23.54 -0.08
N VAL A 243 0.66 24.33 -0.43
CA VAL A 243 0.52 25.72 0.04
C VAL A 243 0.43 25.74 1.56
N ALA A 244 -0.40 24.86 2.10
CA ALA A 244 -0.61 24.80 3.54
C ALA A 244 0.68 24.49 4.29
N LYS A 245 1.55 23.65 3.73
CA LYS A 245 2.82 23.39 4.44
C LYS A 245 3.93 24.44 4.18
N GLY A 246 3.67 25.42 3.31
CA GLY A 246 4.58 26.56 3.12
C GLY A 246 5.36 26.55 1.83
N ILE A 247 4.90 25.80 0.85
CA ILE A 247 5.43 25.92 -0.53
C ILE A 247 4.60 27.03 -1.18
N SER A 248 5.27 28.07 -1.67
CA SER A 248 4.64 29.12 -2.42
C SER A 248 4.34 28.64 -3.86
N ILE A 249 3.09 28.71 -4.28
CA ILE A 249 2.75 28.39 -5.66
C ILE A 249 2.16 29.64 -6.28
N ILE A 250 2.73 30.06 -7.40
CA ILE A 250 2.30 31.24 -8.09
C ILE A 250 1.77 30.81 -9.43
N TYR A 251 0.51 31.13 -9.68
CA TYR A 251 -0.18 30.73 -10.92
C TYR A 251 -0.18 31.82 -11.94
N GLU A 252 -0.56 31.52 -13.18
CA GLU A 252 -0.50 32.52 -14.28
C GLU A 252 0.89 33.17 -14.42
N ALA A 253 1.91 32.39 -14.09
CA ALA A 253 3.27 32.90 -13.97
C ALA A 253 4.09 32.45 -15.17
N THR A 254 4.47 33.39 -16.04
CA THR A 254 5.40 33.13 -17.16
C THR A 254 6.74 33.86 -16.93
N VAL A 255 7.84 33.12 -16.99
CA VAL A 255 9.16 33.66 -16.74
C VAL A 255 9.57 34.46 -17.96
N SER A 256 9.80 35.75 -17.76
CA SER A 256 10.36 36.60 -18.78
C SER A 256 11.89 36.41 -18.87
N GLN A 257 12.56 36.50 -17.72
CA GLN A 257 14.01 36.36 -17.72
C GLN A 257 14.52 35.95 -16.36
N VAL A 258 15.72 35.40 -16.34
CA VAL A 258 16.40 35.04 -15.10
C VAL A 258 17.70 35.82 -15.07
N GLN A 259 17.93 36.58 -14.01
CA GLN A 259 19.09 37.49 -13.93
C GLN A 259 20.05 37.06 -12.83
N SER A 260 21.34 37.10 -13.10
CA SER A 260 22.32 36.78 -12.06
C SER A 260 22.65 38.01 -11.23
N THR A 261 22.06 38.15 -10.05
CA THR A 261 22.42 39.26 -9.17
C THR A 261 23.51 38.78 -8.22
N GLU A 262 23.96 39.68 -7.36
CA GLU A 262 25.08 39.45 -6.48
C GLU A 262 24.88 38.25 -5.53
N ASN A 263 23.68 38.12 -4.96
CA ASN A 263 23.37 37.10 -3.95
C ASN A 263 22.42 35.98 -4.37
N CYS A 264 21.75 36.13 -5.49
CA CYS A 264 20.74 35.16 -5.93
C CYS A 264 20.40 35.35 -7.40
N TYR A 265 19.60 34.41 -7.92
CA TYR A 265 19.07 34.51 -9.27
C TYR A 265 17.71 35.17 -9.20
N ASN A 266 17.57 36.29 -9.88
CA ASN A 266 16.32 37.03 -9.89
C ASN A 266 15.43 36.58 -11.05
N VAL A 267 14.36 35.87 -10.74
CA VAL A 267 13.43 35.39 -11.76
C VAL A 267 12.36 36.45 -11.96
N VAL A 268 12.32 37.02 -13.16
CA VAL A 268 11.39 38.09 -13.50
C VAL A 268 10.26 37.54 -14.35
N LEU A 269 9.03 37.79 -13.90
CA LEU A 269 7.85 37.25 -14.54
C LEU A 269 7.28 38.26 -15.53
N THR A 270 6.44 37.78 -16.43
CA THR A 270 5.79 38.68 -17.40
C THR A 270 4.85 39.69 -16.72
N ASN A 271 4.29 39.33 -15.56
CA ASN A 271 3.40 40.24 -14.83
C ASN A 271 4.17 41.24 -13.97
N GLY A 272 5.50 41.20 -14.03
CA GLY A 272 6.34 42.18 -13.35
C GLY A 272 6.87 41.69 -12.02
N GLN A 273 6.19 40.73 -11.39
CA GLN A 273 6.65 40.15 -10.12
C GLN A 273 8.05 39.51 -10.27
N THR A 274 8.91 39.68 -9.26
CA THR A 274 10.24 39.07 -9.26
C THR A 274 10.39 38.14 -8.07
N ILE A 275 11.12 37.05 -8.22
CA ILE A 275 11.45 36.17 -7.11
C ILE A 275 12.95 35.90 -7.15
N CYS A 276 13.68 36.22 -6.07
CA CYS A 276 15.14 35.95 -6.01
C CYS A 276 15.38 34.65 -5.22
N ALA A 277 16.15 33.72 -5.82
CA ALA A 277 16.42 32.44 -5.20
C ALA A 277 17.82 31.97 -5.53
N ASP A 278 18.36 31.13 -4.65
CA ASP A 278 19.73 30.60 -4.81
C ASP A 278 19.86 29.78 -6.07
N ARG A 279 18.79 29.08 -6.44
CA ARG A 279 18.79 28.22 -7.62
C ARG A 279 17.45 28.30 -8.33
N VAL A 280 17.46 28.05 -9.64
CA VAL A 280 16.28 28.02 -10.44
C VAL A 280 16.29 26.73 -11.27
N MET A 281 15.23 25.95 -11.15
CA MET A 281 15.11 24.71 -11.92
C MET A 281 13.96 24.80 -12.91
N LEU A 282 14.21 24.44 -14.16
CA LEU A 282 13.21 24.47 -15.22
C LEU A 282 12.73 23.04 -15.34
N ALA A 283 11.41 22.86 -15.17
CA ALA A 283 10.68 21.59 -15.27
C ALA A 283 9.51 21.78 -16.24
N THR A 284 9.82 22.19 -17.46
CA THR A 284 8.84 22.75 -18.40
C THR A 284 8.38 21.79 -19.48
N GLY A 285 8.84 20.54 -19.42
CA GLY A 285 8.34 19.50 -20.31
C GLY A 285 9.48 18.92 -21.13
N ARG A 286 9.35 17.65 -21.47
CA ARG A 286 10.35 16.92 -22.23
C ARG A 286 9.77 16.54 -23.55
N VAL A 287 10.60 16.63 -24.59
CA VAL A 287 10.17 16.38 -25.95
C VAL A 287 11.04 15.30 -26.56
N PRO A 288 10.52 14.63 -27.61
CA PRO A 288 11.30 13.55 -28.20
C PRO A 288 12.71 13.95 -28.62
N ASN A 289 13.68 13.09 -28.34
CA ASN A 289 15.06 13.37 -28.62
C ASN A 289 15.54 12.72 -29.88
N THR A 290 15.74 13.54 -30.90
CA THR A 290 16.44 13.07 -32.12
C THR A 290 17.77 13.83 -32.40
N THR A 291 18.31 14.48 -31.37
CA THR A 291 19.42 15.39 -31.55
C THR A 291 20.63 14.56 -32.02
N GLY A 292 21.20 14.95 -33.15
CA GLY A 292 22.39 14.33 -33.69
C GLY A 292 22.18 12.95 -34.28
N LEU A 293 20.91 12.58 -34.52
CA LEU A 293 20.54 11.23 -34.95
C LEU A 293 20.66 11.07 -36.47
N GLY A 294 20.60 12.18 -37.19
CA GLY A 294 20.73 12.16 -38.65
C GLY A 294 19.55 11.44 -39.31
N LEU A 295 18.34 11.57 -38.75
CA LEU A 295 17.14 10.93 -39.30
C LEU A 295 16.83 11.28 -40.72
N GLU A 296 17.25 12.47 -41.16
CA GLU A 296 17.05 12.84 -42.56
C GLU A 296 17.65 11.79 -43.49
N ARG A 297 18.75 11.15 -43.06
CA ARG A 297 19.43 10.16 -43.89
C ARG A 297 18.68 8.83 -43.89
N ALA A 298 17.90 8.58 -42.86
CA ALA A 298 17.16 7.32 -42.73
C ALA A 298 15.89 7.29 -43.57
N GLY A 299 15.33 8.47 -43.84
CA GLY A 299 14.03 8.57 -44.56
C GLY A 299 12.84 8.48 -43.62
N VAL A 300 13.12 8.54 -42.32
CA VAL A 300 12.12 8.43 -41.24
C VAL A 300 11.40 9.75 -41.05
N LYS A 301 10.06 9.69 -41.05
CA LYS A 301 9.24 10.89 -40.82
C LYS A 301 9.06 11.26 -39.35
N VAL A 302 9.20 12.55 -39.08
CA VAL A 302 9.03 13.11 -37.76
C VAL A 302 7.94 14.15 -37.82
N ASN A 303 7.11 14.22 -36.78
CA ASN A 303 5.96 15.09 -36.82
C ASN A 303 6.30 16.46 -36.19
N GLU A 304 5.29 17.31 -36.11
CA GLU A 304 5.49 18.71 -35.71
C GLU A 304 5.95 18.86 -34.27
N PHE A 305 5.78 17.80 -33.46
CA PHE A 305 6.18 17.81 -32.06
C PHE A 305 7.54 17.13 -31.86
N GLY A 306 8.23 16.77 -32.94
CA GLY A 306 9.53 16.08 -32.82
C GLY A 306 9.46 14.58 -32.65
N ALA A 307 8.26 14.02 -32.70
CA ALA A 307 8.07 12.59 -32.47
C ALA A 307 8.38 11.78 -33.71
N VAL A 308 9.08 10.67 -33.52
CA VAL A 308 9.23 9.67 -34.59
C VAL A 308 7.89 8.96 -34.69
N VAL A 309 7.18 9.15 -35.79
CA VAL A 309 5.83 8.61 -35.95
C VAL A 309 5.96 7.10 -36.11
N VAL A 310 5.23 6.33 -35.30
CA VAL A 310 5.10 4.89 -35.51
C VAL A 310 3.67 4.44 -35.66
N ASP A 311 3.51 3.30 -36.33
CA ASP A 311 2.22 2.66 -36.47
C ASP A 311 2.00 1.72 -35.30
N GLU A 312 0.94 0.94 -35.40
CA GLU A 312 0.43 0.11 -34.30
C GLU A 312 1.39 -1.05 -33.97
N LYS A 313 2.32 -1.32 -34.87
CA LYS A 313 3.36 -2.31 -34.66
C LYS A 313 4.73 -1.66 -34.33
N MET A 314 4.74 -0.37 -34.00
CA MET A 314 5.93 0.38 -33.65
C MET A 314 6.84 0.64 -34.87
N THR A 315 6.32 0.53 -36.07
CA THR A 315 7.13 0.72 -37.27
C THR A 315 7.05 2.18 -37.72
N THR A 316 8.18 2.72 -38.12
CA THR A 316 8.24 4.00 -38.78
C THR A 316 7.73 3.80 -40.23
N ASN A 317 7.81 4.86 -41.01
CA ASN A 317 7.42 4.79 -42.39
C ASN A 317 8.50 4.07 -43.23
N VAL A 318 9.66 3.77 -42.65
CA VAL A 318 10.68 2.98 -43.28
C VAL A 318 10.54 1.58 -42.70
N SER A 319 10.29 0.58 -43.55
CA SER A 319 9.76 -0.69 -43.01
C SER A 319 10.72 -1.47 -42.09
N HIS A 320 12.01 -1.22 -42.17
CA HIS A 320 12.97 -1.93 -41.29
C HIS A 320 13.44 -1.08 -40.11
N ILE A 321 12.83 0.09 -39.92
CA ILE A 321 13.18 0.98 -38.80
C ILE A 321 11.98 1.13 -37.89
N TRP A 322 12.16 0.71 -36.64
CA TRP A 322 11.12 0.80 -35.64
C TRP A 322 11.55 1.81 -34.59
N ALA A 323 10.62 2.22 -33.74
CA ALA A 323 10.87 3.15 -32.64
C ALA A 323 10.01 2.79 -31.43
N VAL A 324 10.62 2.87 -30.24
CA VAL A 324 9.91 2.62 -28.98
C VAL A 324 10.16 3.73 -27.98
N GLY A 325 9.27 3.86 -27.02
CA GLY A 325 9.52 4.72 -25.90
C GLY A 325 9.18 6.17 -26.09
N ASP A 326 9.82 7.02 -25.29
CA ASP A 326 9.51 8.45 -25.31
C ASP A 326 9.66 9.11 -26.70
N VAL A 327 10.58 8.61 -27.53
CA VAL A 327 10.87 9.26 -28.79
C VAL A 327 9.65 9.20 -29.76
N THR A 328 8.73 8.27 -29.53
CA THR A 328 7.54 8.10 -30.37
C THR A 328 6.46 9.09 -30.10
N GLY A 329 6.63 9.88 -29.06
CA GLY A 329 5.67 10.89 -28.71
C GLY A 329 4.52 10.46 -27.78
N HIS A 330 4.49 9.21 -27.35
CA HIS A 330 3.44 8.90 -26.41
C HIS A 330 3.83 9.16 -24.96
N ILE A 331 2.96 8.76 -24.05
CA ILE A 331 3.15 9.07 -22.63
C ILE A 331 4.56 8.62 -22.21
N GLN A 332 5.19 9.47 -21.43
CA GLN A 332 6.60 9.29 -21.09
C GLN A 332 6.71 8.54 -19.76
N LEU A 333 6.72 7.22 -19.85
CA LEU A 333 6.82 6.37 -18.66
C LEU A 333 7.66 5.17 -19.00
N THR A 334 8.49 4.76 -18.04
CA THR A 334 9.39 3.63 -18.23
C THR A 334 8.64 2.35 -18.56
N PRO A 335 7.58 2.03 -17.81
CA PRO A 335 6.84 0.80 -18.14
C PRO A 335 6.23 0.74 -19.56
N VAL A 336 5.91 1.90 -20.14
CA VAL A 336 5.37 1.97 -21.48
C VAL A 336 6.51 1.77 -22.49
N ALA A 337 7.67 2.37 -22.21
CA ALA A 337 8.85 2.11 -23.01
C ALA A 337 9.14 0.61 -23.04
N ILE A 338 9.02 -0.06 -21.88
CA ILE A 338 9.32 -1.49 -21.80
C ILE A 338 8.29 -2.29 -22.61
N HIS A 339 7.03 -1.94 -22.45
CA HIS A 339 5.92 -2.57 -23.17
C HIS A 339 6.09 -2.44 -24.69
N ASP A 340 6.50 -1.26 -25.13
CA ASP A 340 6.77 -0.97 -26.55
C ASP A 340 7.85 -1.92 -27.04
N ALA A 341 8.89 -2.12 -26.20
CA ALA A 341 10.02 -2.97 -26.58
C ALA A 341 9.57 -4.39 -26.77
N MET A 342 8.71 -4.85 -25.87
CA MET A 342 8.25 -6.22 -25.94
C MET A 342 7.41 -6.43 -27.19
N CYS A 343 6.61 -5.46 -27.54
CA CYS A 343 5.80 -5.54 -28.74
CA CYS A 343 5.79 -5.49 -28.75
C CYS A 343 6.67 -5.52 -30.00
N PHE A 344 7.70 -4.67 -30.00
CA PHE A 344 8.60 -4.56 -31.13
C PHE A 344 9.28 -5.89 -31.41
N VAL A 345 9.82 -6.55 -30.38
CA VAL A 345 10.54 -7.80 -30.61
C VAL A 345 9.59 -8.92 -31.15
N LYS A 346 8.38 -9.02 -30.58
CA LYS A 346 7.37 -9.96 -31.13
C LYS A 346 7.10 -9.70 -32.61
N ASN A 347 6.76 -8.46 -32.96
CA ASN A 347 6.47 -8.16 -34.37
C ASN A 347 7.69 -8.28 -35.28
N ALA A 348 8.86 -7.84 -34.80
CA ALA A 348 10.08 -7.87 -35.61
C ALA A 348 10.67 -9.27 -35.76
N PHE A 349 10.58 -10.13 -34.76
CA PHE A 349 11.37 -11.37 -34.79
C PHE A 349 10.58 -12.67 -34.60
N GLU A 350 9.43 -12.59 -33.95
CA GLU A 350 8.67 -13.80 -33.60
C GLU A 350 7.43 -14.01 -34.47
N THR A 354 1.08 -8.08 -32.88
CA THR A 354 0.98 -7.55 -31.50
C THR A 354 1.05 -6.02 -31.48
N THR A 355 0.02 -5.38 -30.94
CA THR A 355 -0.02 -3.93 -30.80
C THR A 355 0.03 -3.52 -29.33
N PRO A 356 0.71 -2.42 -29.01
CA PRO A 356 0.78 -2.07 -27.61
C PRO A 356 -0.61 -1.72 -27.05
N ASP A 357 -0.74 -1.88 -25.75
CA ASP A 357 -1.96 -1.62 -25.02
C ASP A 357 -1.71 -0.44 -24.12
N TYR A 358 -2.26 0.71 -24.50
CA TYR A 358 -2.12 1.92 -23.71
C TYR A 358 -3.39 2.27 -22.90
N ASP A 359 -4.30 1.30 -22.75
CA ASP A 359 -5.54 1.55 -22.02
C ASP A 359 -5.33 1.23 -20.54
N LEU A 360 -5.95 2.05 -19.70
CA LEU A 360 -5.95 1.87 -18.26
C LEU A 360 -4.54 1.77 -17.67
N ILE A 361 -3.67 2.68 -18.13
CA ILE A 361 -2.33 2.78 -17.54
C ILE A 361 -2.41 3.52 -16.21
N THR A 362 -1.90 2.88 -15.16
CA THR A 362 -1.84 3.52 -13.86
C THR A 362 -0.61 4.39 -13.85
N THR A 363 -0.76 5.63 -13.38
CA THR A 363 0.38 6.51 -13.12
C THR A 363 0.43 6.98 -11.65
N ALA A 364 1.63 7.25 -11.20
CA ALA A 364 1.86 7.72 -9.86
C ALA A 364 2.59 9.04 -9.97
N VAL A 365 2.42 9.91 -8.97
CA VAL A 365 3.23 11.11 -8.85
C VAL A 365 3.78 11.06 -7.43
N PHE A 366 5.10 11.09 -7.32
CA PHE A 366 5.77 11.05 -5.98
C PHE A 366 5.94 12.45 -5.38
N SER A 367 4.81 13.14 -5.39
CA SER A 367 4.63 14.37 -4.64
C SER A 367 4.44 13.97 -3.19
N GLN A 368 4.30 14.98 -2.32
CA GLN A 368 3.97 14.75 -0.92
C GLN A 368 2.82 15.68 -0.59
N PRO A 369 1.59 15.14 -0.49
CA PRO A 369 1.19 13.73 -0.55
C PRO A 369 1.33 13.11 -1.94
N GLU A 370 1.56 11.81 -1.97
CA GLU A 370 1.69 11.05 -3.22
C GLU A 370 0.34 10.96 -3.92
N ILE A 371 0.39 10.78 -5.21
CA ILE A 371 -0.81 10.58 -6.01
C ILE A 371 -0.70 9.24 -6.75
N GLY A 372 -1.84 8.55 -6.89
CA GLY A 372 -1.93 7.38 -7.74
C GLY A 372 -3.22 7.46 -8.49
N THR A 373 -3.21 7.15 -9.78
CA THR A 373 -4.39 7.35 -10.62
C THR A 373 -4.47 6.33 -11.74
N VAL A 374 -5.69 5.83 -12.00
CA VAL A 374 -5.89 4.88 -13.11
C VAL A 374 -7.30 5.04 -13.67
N GLY A 375 -7.40 4.95 -14.98
CA GLY A 375 -8.62 5.27 -15.68
C GLY A 375 -9.10 6.70 -15.60
N LEU A 376 -10.42 6.84 -15.73
CA LEU A 376 -11.03 8.13 -16.07
C LEU A 376 -11.19 8.99 -14.84
N SER A 377 -10.90 10.26 -15.02
CA SER A 377 -11.29 11.27 -14.05
C SER A 377 -12.80 11.41 -13.99
N GLU A 378 -13.25 12.06 -12.93
CA GLU A 378 -14.67 12.28 -12.72
C GLU A 378 -15.25 13.13 -13.84
N GLU A 379 -14.54 14.19 -14.23
CA GLU A 379 -14.93 14.99 -15.38
C GLU A 379 -14.96 14.19 -16.71
N ASP A 380 -13.98 13.35 -16.99
CA ASP A 380 -14.00 12.59 -18.25
C ASP A 380 -15.12 11.55 -18.27
N ALA A 381 -15.42 10.99 -17.11
CA ALA A 381 -16.45 9.97 -17.02
C ALA A 381 -17.86 10.56 -17.20
N LEU A 382 -18.10 11.73 -16.60
CA LEU A 382 -19.49 12.24 -16.54
C LEU A 382 -20.03 12.62 -17.92
N HIS A 383 -19.12 12.91 -18.86
CA HIS A 383 -19.48 13.13 -20.25
C HIS A 383 -19.61 11.82 -21.05
N ARG A 384 -18.88 10.76 -20.66
CA ARG A 384 -18.86 9.50 -21.43
C ARG A 384 -20.08 8.60 -21.12
N TYR A 385 -20.67 8.75 -19.94
CA TYR A 385 -21.69 7.82 -19.44
C TYR A 385 -22.96 8.50 -19.00
N LYS A 386 -24.08 7.87 -19.27
CA LYS A 386 -25.37 8.41 -18.88
C LYS A 386 -25.49 8.60 -17.35
N ARG A 387 -24.97 7.62 -16.63
CA ARG A 387 -24.97 7.64 -15.18
C ARG A 387 -23.55 7.34 -14.71
N VAL A 388 -23.07 8.20 -13.83
CA VAL A 388 -21.78 8.02 -13.18
C VAL A 388 -22.01 8.15 -11.68
N GLU A 389 -21.64 7.13 -10.94
CA GLU A 389 -21.74 7.14 -9.50
C GLU A 389 -20.33 7.45 -8.96
N ILE A 390 -20.27 8.41 -8.04
CA ILE A 390 -19.00 8.76 -7.42
C ILE A 390 -18.96 8.34 -5.95
N TYR A 391 -17.84 7.71 -5.57
CA TYR A 391 -17.62 7.16 -4.26
C TYR A 391 -16.34 7.78 -3.75
N ARG A 392 -16.48 8.76 -2.88
CA ARG A 392 -15.39 9.63 -2.50
C ARG A 392 -15.21 9.63 -1.00
N THR A 393 -13.98 9.52 -0.53
CA THR A 393 -13.74 9.64 0.89
C THR A 393 -12.44 10.36 1.15
N VAL A 394 -12.48 11.23 2.16
CA VAL A 394 -11.33 11.95 2.67
C VAL A 394 -11.35 11.73 4.15
N PHE A 395 -10.21 11.32 4.72
CA PHE A 395 -10.16 11.02 6.15
C PHE A 395 -8.72 11.15 6.63
N ARG A 396 -8.57 11.21 7.93
CA ARG A 396 -7.27 11.23 8.60
C ARG A 396 -6.82 9.84 9.04
N PRO A 397 -5.75 9.30 8.45
CA PRO A 397 -5.27 8.00 8.95
C PRO A 397 -5.00 8.08 10.44
N MET A 398 -5.28 7.00 11.19
CA MET A 398 -5.24 7.10 12.65
C MET A 398 -3.85 7.45 13.13
N ARG A 399 -2.83 7.02 12.39
CA ARG A 399 -1.46 7.38 12.68
C ARG A 399 -1.31 8.90 12.87
N ASN A 400 -1.96 9.65 11.99
CA ASN A 400 -1.89 11.10 11.98
C ASN A 400 -2.70 11.78 13.07
N VAL A 401 -3.80 11.18 13.46
CA VAL A 401 -4.57 11.69 14.60
C VAL A 401 -3.71 11.74 15.84
N LEU A 402 -2.96 10.68 16.06
CA LEU A 402 -2.15 10.61 17.24
C LEU A 402 -0.95 11.55 17.12
N SER A 403 -0.34 11.60 15.94
CA SER A 403 0.91 12.35 15.81
C SER A 403 0.68 13.85 15.65
N GLY A 404 -0.54 14.25 15.29
CA GLY A 404 -0.88 15.68 15.10
C GLY A 404 -0.62 16.21 13.68
N SER A 405 -0.41 15.32 12.73
CA SER A 405 -0.17 15.71 11.35
C SER A 405 -1.49 16.02 10.61
N PRO A 406 -1.52 17.08 9.78
CA PRO A 406 -2.67 17.36 8.93
C PRO A 406 -2.88 16.44 7.70
N GLU A 407 -1.91 15.57 7.42
CA GLU A 407 -1.95 14.77 6.20
C GLU A 407 -3.27 13.97 6.16
N LYS A 408 -3.95 14.01 5.02
CA LYS A 408 -5.17 13.24 4.78
C LYS A 408 -4.91 12.07 3.84
N MET A 409 -5.90 11.20 3.77
CA MET A 409 -5.95 10.18 2.74
C MET A 409 -7.24 10.48 1.93
N PHE A 410 -7.14 10.44 0.61
CA PHE A 410 -8.26 10.69 -0.30
C PHE A 410 -8.34 9.51 -1.25
N MET A 411 -9.54 8.93 -1.40
CA MET A 411 -9.76 7.83 -2.33
C MET A 411 -11.11 8.07 -3.03
N LYS A 412 -11.13 7.87 -4.36
CA LYS A 412 -12.33 8.12 -5.15
C LYS A 412 -12.44 7.05 -6.23
N LEU A 413 -13.58 6.37 -6.25
CA LEU A 413 -13.92 5.44 -7.33
C LEU A 413 -14.97 6.11 -8.22
N VAL A 414 -14.75 6.02 -9.51
CA VAL A 414 -15.66 6.53 -10.53
C VAL A 414 -16.26 5.29 -11.20
N VAL A 415 -17.59 5.21 -11.21
CA VAL A 415 -18.29 4.01 -11.59
C VAL A 415 -19.36 4.33 -12.67
N ASP A 416 -19.37 3.54 -13.75
CA ASP A 416 -20.48 3.55 -14.71
C ASP A 416 -21.72 2.94 -14.07
N GLY A 417 -22.70 3.78 -13.78
CA GLY A 417 -23.95 3.38 -13.16
C GLY A 417 -24.68 2.26 -13.87
N GLU A 418 -24.49 2.14 -15.20
CA GLU A 418 -25.21 1.16 -16.01
C GLU A 418 -24.55 -0.23 -15.95
N SER A 419 -23.28 -0.33 -16.32
CA SER A 419 -22.56 -1.60 -16.28
C SER A 419 -22.05 -1.95 -14.88
N ARG A 420 -22.01 -0.95 -14.01
CA ARG A 420 -21.38 -1.04 -12.67
C ARG A 420 -19.88 -1.24 -12.67
N ILE A 421 -19.24 -1.18 -13.84
CA ILE A 421 -17.78 -1.32 -13.90
C ILE A 421 -17.11 -0.12 -13.30
N VAL A 422 -16.04 -0.35 -12.52
CA VAL A 422 -15.28 0.76 -11.97
C VAL A 422 -14.40 1.26 -13.13
N VAL A 423 -14.61 2.51 -13.51
CA VAL A 423 -13.93 3.07 -14.69
C VAL A 423 -12.74 3.98 -14.39
N GLY A 424 -12.63 4.42 -13.14
CA GLY A 424 -11.49 5.24 -12.69
C GLY A 424 -11.34 5.12 -11.19
N ALA A 425 -10.12 5.32 -10.73
CA ALA A 425 -9.78 5.26 -9.30
C ALA A 425 -8.61 6.21 -9.06
N HIS A 426 -8.73 7.03 -8.02
CA HIS A 426 -7.84 8.17 -7.77
C HIS A 426 -7.54 8.20 -6.29
N VAL A 427 -6.25 8.19 -5.97
CA VAL A 427 -5.77 8.10 -4.60
C VAL A 427 -4.75 9.19 -4.31
N LEU A 428 -4.85 9.80 -3.14
CA LEU A 428 -3.86 10.81 -2.71
C LEU A 428 -3.60 10.59 -1.25
N GLY A 429 -2.33 10.49 -0.91
CA GLY A 429 -1.93 10.20 0.44
C GLY A 429 -0.88 9.11 0.45
N GLU A 430 -0.60 8.58 1.63
CA GLU A 430 0.55 7.70 1.81
C GLU A 430 0.43 6.44 0.91
N ASN A 431 1.49 6.17 0.15
CA ASN A 431 1.60 5.01 -0.68
C ASN A 431 0.52 4.94 -1.76
N ALA A 432 0.06 6.09 -2.22
CA ALA A 432 -0.96 6.20 -3.26
C ALA A 432 -0.53 5.47 -4.51
N GLY A 433 0.74 5.58 -4.89
CA GLY A 433 1.22 4.88 -6.07
C GLY A 433 1.10 3.36 -5.97
N GLU A 434 1.46 2.83 -4.81
CA GLU A 434 1.32 1.38 -4.53
C GLU A 434 -0.11 0.97 -4.63
N ILE A 435 -0.99 1.75 -3.99
CA ILE A 435 -2.37 1.46 -3.96
C ILE A 435 -2.96 1.47 -5.36
N ALA A 436 -2.63 2.50 -6.15
CA ALA A 436 -3.23 2.64 -7.44
C ALA A 436 -2.82 1.49 -8.33
N GLN A 437 -1.56 1.04 -8.22
CA GLN A 437 -1.10 -0.10 -8.99
C GLN A 437 -1.98 -1.33 -8.82
N LEU A 438 -2.33 -1.62 -7.58
CA LEU A 438 -3.04 -2.81 -7.24
C LEU A 438 -4.52 -2.67 -7.61
N ILE A 439 -5.08 -1.46 -7.46
CA ILE A 439 -6.45 -1.19 -7.92
C ILE A 439 -6.47 -1.35 -9.43
N GLY A 440 -5.37 -0.97 -10.08
CA GLY A 440 -5.22 -1.08 -11.51
C GLY A 440 -5.45 -2.47 -12.09
N ILE A 441 -5.05 -3.49 -11.34
CA ILE A 441 -5.28 -4.89 -11.73
C ILE A 441 -6.81 -5.14 -11.83
N SER A 442 -7.54 -4.72 -10.79
CA SER A 442 -8.97 -4.96 -10.74
C SER A 442 -9.66 -4.21 -11.87
N LEU A 443 -9.21 -2.99 -12.15
CA LEU A 443 -9.79 -2.21 -13.26
C LEU A 443 -9.48 -2.87 -14.61
N LYS A 444 -8.26 -3.41 -14.77
CA LYS A 444 -7.90 -4.09 -16.00
C LYS A 444 -8.81 -5.31 -16.21
N GLY A 445 -9.21 -5.94 -15.11
CA GLY A 445 -10.18 -7.02 -15.14
C GLY A 445 -11.64 -6.59 -15.26
N LYS A 446 -11.87 -5.28 -15.36
CA LYS A 446 -13.21 -4.71 -15.49
C LYS A 446 -14.14 -5.09 -14.35
N LEU A 447 -13.60 -5.20 -13.13
CA LEU A 447 -14.42 -5.58 -12.02
C LEU A 447 -15.47 -4.54 -11.68
N THR A 448 -16.65 -5.01 -11.30
CA THR A 448 -17.71 -4.10 -10.92
C THR A 448 -17.56 -3.61 -9.51
N LYS A 449 -18.20 -2.49 -9.23
CA LYS A 449 -18.30 -1.96 -7.91
C LYS A 449 -18.88 -2.97 -6.88
N ASP A 450 -19.79 -3.82 -7.33
CA ASP A 450 -20.37 -4.86 -6.46
C ASP A 450 -19.30 -5.86 -6.00
N ILE A 451 -18.33 -6.13 -6.87
CA ILE A 451 -17.19 -7.01 -6.47
C ILE A 451 -16.32 -6.32 -5.44
N PHE A 452 -16.00 -5.02 -5.62
CA PHE A 452 -15.31 -4.25 -4.58
C PHE A 452 -16.10 -4.40 -3.27
N ASP A 453 -17.42 -4.18 -3.32
CA ASP A 453 -18.23 -4.18 -2.09
C ASP A 453 -18.29 -5.55 -1.40
N LYS A 454 -18.23 -6.62 -2.16
CA LYS A 454 -18.34 -7.95 -1.61
C LYS A 454 -16.99 -8.39 -1.03
N THR A 455 -15.92 -7.65 -1.34
CA THR A 455 -14.55 -7.96 -0.81
C THR A 455 -14.51 -7.59 0.68
N MET A 456 -14.20 -8.55 1.55
CA MET A 456 -14.14 -8.26 2.97
C MET A 456 -13.02 -7.29 3.25
N ALA A 457 -13.32 -6.32 4.11
CA ALA A 457 -12.35 -5.41 4.62
C ALA A 457 -11.30 -6.12 5.47
N VAL A 458 -10.11 -5.56 5.40
CA VAL A 458 -9.00 -5.86 6.30
C VAL A 458 -8.82 -4.67 7.25
N HIS A 459 -8.85 -4.91 8.55
CA HIS A 459 -8.88 -3.86 9.58
C HIS A 459 -7.71 -4.08 10.57
N PRO A 460 -7.05 -2.97 11.01
CA PRO A 460 -7.16 -1.60 10.53
C PRO A 460 -6.20 -1.32 9.37
N THR A 461 -6.75 -0.85 8.24
CA THR A 461 -5.96 -0.43 7.08
C THR A 461 -6.56 0.86 6.54
N MET A 462 -5.79 1.53 5.66
CA MET A 462 -6.35 2.61 4.84
C MET A 462 -7.17 2.05 3.70
N SER A 463 -6.71 0.94 3.12
CA SER A 463 -7.29 0.41 1.90
C SER A 463 -8.68 -0.18 2.09
N GLU A 464 -9.05 -0.54 3.33
CA GLU A 464 -10.39 -1.05 3.57
C GLU A 464 -11.50 -0.02 3.26
N GLU A 465 -11.17 1.26 3.24
CA GLU A 465 -12.17 2.27 2.81
C GLU A 465 -12.70 2.01 1.38
N LEU A 466 -11.91 1.37 0.53
CA LEU A 466 -12.31 1.10 -0.84
C LEU A 466 -13.34 -0.02 -1.00
N VAL A 467 -13.51 -0.82 0.03
CA VAL A 467 -14.43 -1.94 -0.03
C VAL A 467 -15.67 -1.80 0.85
N THR A 468 -15.88 -0.62 1.43
CA THR A 468 -17.02 -0.39 2.32
C THR A 468 -17.79 0.91 1.95
N MET A 469 -17.55 1.45 0.75
CA MET A 469 -18.29 2.65 0.34
C MET A 469 -19.54 2.24 -0.38
N TYR A 470 -20.49 1.72 0.37
CA TYR A 470 -21.67 1.11 -0.22
C TYR A 470 -22.60 2.11 -0.90
N LYS A 471 -22.76 3.30 -0.32
CA LYS A 471 -23.64 4.33 -0.87
C LYS A 471 -22.81 5.35 -1.60
N PRO A 472 -23.24 5.78 -2.80
CA PRO A 472 -22.51 6.81 -3.51
C PRO A 472 -22.45 8.14 -2.74
N SER A 473 -21.36 8.87 -2.91
CA SER A 473 -21.31 10.26 -2.38
C SER A 473 -22.27 11.14 -3.14
N TYR A 474 -22.27 10.97 -4.45
CA TYR A 474 -23.22 11.66 -5.29
C TYR A 474 -23.23 11.00 -6.66
N VAL A 475 -24.12 11.47 -7.51
CA VAL A 475 -24.36 10.83 -8.81
C VAL A 475 -24.65 11.88 -9.85
N TYR A 476 -24.04 11.67 -11.04
CA TYR A 476 -24.34 12.39 -12.24
C TYR A 476 -25.34 11.56 -13.07
N GLU A 477 -26.35 12.25 -13.58
CA GLU A 477 -27.33 11.72 -14.54
C GLU A 477 -27.31 12.65 -15.75
N ASN A 478 -26.99 12.11 -16.92
CA ASN A 478 -26.95 12.88 -18.14
C ASN A 478 -26.09 14.13 -18.02
N GLY A 479 -24.95 13.98 -17.33
CA GLY A 479 -23.92 15.02 -17.24
C GLY A 479 -24.11 16.06 -16.15
N GLU A 480 -25.19 15.97 -15.37
CA GLU A 480 -25.44 16.91 -14.28
C GLU A 480 -25.47 16.18 -12.93
N LYS A 481 -24.93 16.84 -11.91
CA LYS A 481 -24.95 16.25 -10.57
C LYS A 481 -26.36 16.31 -9.99
N LEU A 482 -26.78 15.21 -9.38
CA LEU A 482 -28.10 15.10 -8.78
C LEU A 482 -28.07 15.56 -7.33
N ASP A 483 -29.22 16.05 -6.83
CA ASP A 483 -29.33 16.68 -5.49
C ASP A 483 -29.41 15.67 -4.35
N SER B 24 -47.13 -6.41 24.86
CA SER B 24 -46.21 -5.31 24.46
C SER B 24 -44.83 -5.30 25.17
N PHE B 25 -43.78 -5.16 24.37
CA PHE B 25 -42.41 -5.23 24.87
C PHE B 25 -41.82 -3.86 25.11
N ASP B 26 -40.85 -3.78 26.05
CA ASP B 26 -40.24 -2.51 26.32
C ASP B 26 -39.48 -1.99 25.09
N PHE B 27 -38.88 -2.87 24.31
CA PHE B 27 -38.13 -2.48 23.10
C PHE B 27 -38.41 -3.42 21.95
N ASP B 28 -38.27 -2.92 20.71
CA ASP B 28 -38.40 -3.75 19.51
C ASP B 28 -37.20 -4.69 19.39
N LEU B 29 -36.04 -4.18 19.82
CA LEU B 29 -34.78 -4.88 19.75
C LEU B 29 -33.91 -4.50 20.93
N PHE B 30 -33.36 -5.52 21.58
CA PHE B 30 -32.36 -5.40 22.65
C PHE B 30 -31.10 -6.07 22.18
N VAL B 31 -30.02 -5.30 22.16
CA VAL B 31 -28.72 -5.82 21.70
C VAL B 31 -27.82 -6.02 22.92
N ILE B 32 -27.24 -7.23 23.02
CA ILE B 32 -26.34 -7.56 24.13
C ILE B 32 -24.92 -7.44 23.66
N GLY B 33 -24.25 -6.35 24.06
CA GLY B 33 -22.84 -6.08 23.74
C GLY B 33 -22.75 -4.99 22.66
N SER B 34 -21.97 -3.96 22.93
CA SER B 34 -21.79 -2.84 22.05
CA SER B 34 -21.81 -2.85 22.00
C SER B 34 -20.42 -2.86 21.38
N GLY B 35 -20.01 -4.03 20.87
CA GLY B 35 -18.75 -4.09 20.12
C GLY B 35 -18.97 -3.91 18.63
N SER B 36 -18.03 -4.40 17.83
CA SER B 36 -18.04 -4.13 16.39
C SER B 36 -19.42 -4.45 15.74
N GLY B 37 -19.94 -5.62 16.07
CA GLY B 37 -21.19 -6.11 15.52
C GLY B 37 -22.41 -5.47 16.16
N GLY B 38 -22.45 -5.49 17.49
CA GLY B 38 -23.59 -4.95 18.24
C GLY B 38 -23.86 -3.48 17.97
N VAL B 39 -22.80 -2.69 17.95
CA VAL B 39 -22.97 -1.24 17.81
C VAL B 39 -23.45 -0.91 16.41
N ARG B 40 -23.00 -1.68 15.40
CA ARG B 40 -23.46 -1.47 14.03
C ARG B 40 -24.94 -1.80 13.92
N ALA B 41 -25.32 -2.97 14.44
CA ALA B 41 -26.70 -3.44 14.37
C ALA B 41 -27.67 -2.50 15.05
N ALA B 42 -27.34 -2.11 16.27
CA ALA B 42 -28.20 -1.24 17.06
C ALA B 42 -28.40 0.13 16.42
N ARG B 43 -27.31 0.76 15.93
CA ARG B 43 -27.40 2.10 15.32
C ARG B 43 -28.27 2.03 14.08
N LEU B 44 -28.09 0.98 13.28
CA LEU B 44 -28.84 0.86 12.05
C LEU B 44 -30.34 0.63 12.32
N ALA B 45 -30.66 -0.26 13.26
CA ALA B 45 -32.04 -0.51 13.62
C ALA B 45 -32.72 0.74 14.17
N GLY B 46 -31.98 1.49 14.98
CA GLY B 46 -32.52 2.71 15.59
C GLY B 46 -32.80 3.73 14.53
N ALA B 47 -31.90 3.82 13.55
CA ALA B 47 -32.09 4.75 12.44
C ALA B 47 -33.30 4.37 11.60
N LEU B 48 -33.65 3.07 11.56
CA LEU B 48 -34.89 2.64 10.91
C LEU B 48 -36.13 3.00 11.71
N GLY B 49 -35.97 3.63 12.87
CA GLY B 49 -37.13 4.07 13.63
C GLY B 49 -37.58 3.02 14.64
N LYS B 50 -36.82 1.95 14.84
CA LYS B 50 -37.21 0.95 15.87
C LYS B 50 -36.80 1.47 17.25
N ARG B 51 -37.48 0.98 18.28
CA ARG B 51 -37.12 1.27 19.67
C ARG B 51 -36.10 0.22 20.09
N VAL B 52 -34.88 0.67 20.34
CA VAL B 52 -33.74 -0.27 20.50
C VAL B 52 -33.03 0.08 21.80
N ALA B 53 -32.53 -0.93 22.48
CA ALA B 53 -31.67 -0.78 23.66
C ALA B 53 -30.42 -1.58 23.42
N ILE B 54 -29.32 -1.16 24.03
CA ILE B 54 -28.07 -1.90 23.95
C ILE B 54 -27.47 -1.93 25.36
N ALA B 55 -26.98 -3.11 25.75
CA ALA B 55 -26.29 -3.28 27.03
C ALA B 55 -24.83 -3.41 26.75
N GLU B 56 -24.04 -2.67 27.50
CA GLU B 56 -22.56 -2.77 27.49
C GLU B 56 -22.02 -2.78 28.90
N GLU B 57 -21.38 -3.89 29.26
CA GLU B 57 -20.89 -4.06 30.62
C GLU B 57 -19.55 -3.38 30.89
N TYR B 58 -18.83 -3.05 29.83
CA TYR B 58 -17.53 -2.45 29.95
C TYR B 58 -17.50 -1.11 29.25
N ARG B 59 -16.97 -1.04 28.03
CA ARG B 59 -16.88 0.22 27.33
C ARG B 59 -17.46 0.16 25.90
N ILE B 60 -18.18 1.21 25.58
CA ILE B 60 -18.86 1.31 24.29
C ILE B 60 -17.83 1.26 23.13
N GLY B 61 -18.09 0.41 22.14
CA GLY B 61 -17.13 0.26 21.06
C GLY B 61 -16.56 -1.14 20.96
N GLY B 62 -16.39 -1.80 22.11
CA GLY B 62 -16.03 -3.21 22.15
C GLY B 62 -14.53 -3.50 22.08
N THR B 63 -14.21 -4.72 21.72
CA THR B 63 -12.88 -5.22 21.95
C THR B 63 -11.85 -4.55 21.02
N CYS B 64 -12.24 -4.38 19.77
CA CYS B 64 -11.31 -3.86 18.77
C CYS B 64 -10.98 -2.39 19.07
N VAL B 65 -11.98 -1.58 19.38
CA VAL B 65 -11.80 -0.17 19.71
C VAL B 65 -10.99 0.08 21.00
N ILE B 66 -11.34 -0.61 22.07
CA ILE B 66 -10.84 -0.34 23.37
C ILE B 66 -9.55 -1.04 23.67
N ARG B 67 -9.45 -2.30 23.25
CA ARG B 67 -8.34 -3.14 23.71
C ARG B 67 -8.02 -4.23 22.72
N GLY B 68 -8.01 -3.85 21.43
CA GLY B 68 -7.81 -4.81 20.36
C GLY B 68 -7.10 -4.14 19.20
N CYS B 69 -7.71 -4.22 18.01
CA CYS B 69 -7.09 -3.79 16.76
C CYS B 69 -6.59 -2.36 16.82
N VAL B 70 -7.37 -1.47 17.43
CA VAL B 70 -7.03 -0.04 17.38
C VAL B 70 -5.80 0.27 18.24
N PRO B 71 -5.83 -0.01 19.54
CA PRO B 71 -4.56 0.24 20.27
C PRO B 71 -3.37 -0.64 19.88
N LYS B 72 -3.60 -1.88 19.45
CA LYS B 72 -2.59 -2.74 18.90
C LYS B 72 -1.85 -2.02 17.73
N LYS B 73 -2.63 -1.45 16.82
CA LYS B 73 -2.05 -0.80 15.63
C LYS B 73 -1.28 0.46 16.03
N LEU B 74 -1.76 1.14 17.06
CA LEU B 74 -1.06 2.33 17.55
C LEU B 74 0.29 1.93 18.13
N TYR B 75 0.35 0.84 18.88
CA TYR B 75 1.56 0.42 19.55
C TYR B 75 2.51 -0.11 18.50
N PHE B 76 1.95 -0.79 17.49
CA PHE B 76 2.67 -1.23 16.29
C PHE B 76 3.38 -0.03 15.67
N TYR B 77 2.65 1.03 15.38
CA TYR B 77 3.31 2.24 14.82
C TYR B 77 4.40 2.80 15.77
N ALA B 78 4.08 2.91 17.04
CA ALA B 78 5.04 3.41 17.98
C ALA B 78 6.34 2.60 17.91
N SER B 79 6.22 1.29 17.85
CA SER B 79 7.38 0.40 17.88
CA SER B 79 7.35 0.36 17.85
C SER B 79 8.21 0.42 16.58
N GLN B 80 7.66 0.91 15.50
CA GLN B 80 8.38 0.92 14.22
C GLN B 80 9.40 2.02 14.10
N TYR B 81 9.26 3.10 14.86
CA TYR B 81 10.04 4.30 14.59
C TYR B 81 11.55 4.13 14.75
N ALA B 82 11.99 3.32 15.70
CA ALA B 82 13.41 3.16 15.93
C ALA B 82 14.07 2.56 14.67
N GLN B 83 13.46 1.52 14.12
CA GLN B 83 13.98 0.88 12.88
C GLN B 83 13.86 1.79 11.66
N GLU B 84 12.84 2.64 11.62
CA GLU B 84 12.71 3.64 10.56
C GLU B 84 13.84 4.69 10.62
N PHE B 85 14.12 5.25 11.79
CA PHE B 85 15.25 6.18 11.90
C PHE B 85 16.55 5.60 11.43
N SER B 86 16.79 4.32 11.70
CA SER B 86 18.06 3.74 11.32
C SER B 86 18.16 3.63 9.78
N LYS B 87 17.03 3.50 9.08
CA LYS B 87 17.04 3.56 7.63
C LYS B 87 17.35 4.94 7.04
N SER B 88 17.19 6.00 7.84
CA SER B 88 17.40 7.34 7.33
C SER B 88 18.87 7.66 7.13
N ILE B 89 19.76 6.94 7.83
CA ILE B 89 21.21 7.17 7.73
C ILE B 89 21.75 7.03 6.30
N GLY B 90 21.33 5.98 5.61
CA GLY B 90 21.80 5.79 4.25
C GLY B 90 21.39 6.91 3.30
N PHE B 91 20.35 7.65 3.65
CA PHE B 91 19.89 8.77 2.83
C PHE B 91 20.46 10.14 3.25
N GLY B 92 21.42 10.13 4.16
CA GLY B 92 22.11 11.35 4.57
C GLY B 92 21.69 11.97 5.90
N TRP B 93 20.86 11.27 6.66
CA TRP B 93 20.40 11.78 7.95
C TRP B 93 21.30 11.33 9.11
N LYS B 94 21.40 12.18 10.12
CA LYS B 94 21.92 11.74 11.41
C LYS B 94 20.95 12.23 12.47
N TYR B 95 21.02 11.65 13.65
CA TYR B 95 20.05 11.96 14.73
C TYR B 95 20.65 11.42 16.04
N ALA B 96 20.12 11.91 17.15
CA ALA B 96 20.50 11.46 18.48
C ALA B 96 19.90 10.12 18.76
N ASP B 97 20.59 9.34 19.60
CA ASP B 97 20.13 8.03 19.99
C ASP B 97 18.68 8.17 20.48
N PRO B 98 17.76 7.43 19.87
CA PRO B 98 16.33 7.64 20.14
C PRO B 98 15.92 7.17 21.53
N ILE B 99 15.06 7.94 22.18
CA ILE B 99 14.58 7.63 23.52
C ILE B 99 13.06 7.59 23.46
N PHE B 100 12.48 6.51 23.99
CA PHE B 100 11.03 6.29 24.00
C PHE B 100 10.50 6.41 25.42
N ASN B 101 9.28 6.93 25.53
CA ASN B 101 8.61 7.18 26.80
C ASN B 101 7.24 6.49 26.72
N TRP B 102 7.15 5.34 27.40
CA TRP B 102 5.96 4.51 27.41
C TRP B 102 4.73 5.24 27.96
N GLU B 103 4.91 5.96 29.07
CA GLU B 103 3.79 6.69 29.70
C GLU B 103 3.10 7.66 28.72
N LYS B 104 3.89 8.33 27.88
CA LYS B 104 3.36 9.19 26.85
C LYS B 104 2.54 8.42 25.82
N LEU B 105 3.03 7.24 25.39
CA LEU B 105 2.28 6.42 24.44
C LEU B 105 0.94 5.98 25.06
N VAL B 106 1.01 5.51 26.31
CA VAL B 106 -0.19 5.08 27.03
C VAL B 106 -1.20 6.24 27.11
N ALA B 107 -0.72 7.44 27.42
CA ALA B 107 -1.63 8.59 27.51
C ALA B 107 -2.25 8.88 26.15
N ALA B 108 -1.46 8.83 25.08
CA ALA B 108 -1.98 9.09 23.72
C ALA B 108 -2.98 8.06 23.26
N LYS B 109 -2.71 6.78 23.56
CA LYS B 109 -3.64 5.69 23.29
C LYS B 109 -4.99 5.93 24.01
N ASN B 110 -4.91 6.22 25.30
CA ASN B 110 -6.14 6.48 26.06
C ASN B 110 -6.94 7.67 25.53
N LYS B 111 -6.27 8.72 25.06
CA LYS B 111 -7.00 9.89 24.50
C LYS B 111 -7.76 9.40 23.24
N GLU B 112 -7.06 8.62 22.42
CA GLU B 112 -7.62 8.20 21.14
C GLU B 112 -8.75 7.22 21.28
N ILE B 113 -8.61 6.25 22.17
CA ILE B 113 -9.69 5.27 22.35
C ILE B 113 -10.91 5.93 23.03
N SER B 114 -10.68 6.86 23.95
CA SER B 114 -11.79 7.66 24.50
C SER B 114 -12.55 8.51 23.46
N ARG B 115 -11.84 9.06 22.49
CA ARG B 115 -12.45 9.80 21.39
C ARG B 115 -13.37 8.88 20.56
N LEU B 116 -12.82 7.74 20.17
CA LEU B 116 -13.57 6.75 19.40
C LEU B 116 -14.81 6.23 20.17
N GLU B 117 -14.59 5.85 21.42
CA GLU B 117 -15.67 5.49 22.35
C GLU B 117 -16.77 6.55 22.36
N GLY B 118 -16.42 7.81 22.54
CA GLY B 118 -17.44 8.88 22.54
C GLY B 118 -18.22 8.95 21.24
N LEU B 119 -17.52 8.74 20.12
CA LEU B 119 -18.14 8.80 18.81
C LEU B 119 -19.09 7.62 18.58
N TYR B 120 -18.70 6.43 19.00
CA TYR B 120 -19.64 5.29 18.99
C TYR B 120 -20.88 5.52 19.85
N ARG B 121 -20.66 6.02 21.05
CA ARG B 121 -21.77 6.38 21.93
C ARG B 121 -22.73 7.39 21.29
N GLU B 122 -22.17 8.44 20.71
CA GLU B 122 -22.96 9.46 19.98
C GLU B 122 -23.76 8.87 18.83
N GLY B 123 -23.14 7.96 18.10
CA GLY B 123 -23.83 7.30 16.96
C GLY B 123 -25.04 6.53 17.43
N LEU B 124 -24.89 5.84 18.54
CA LEU B 124 -26.02 5.09 19.14
C LEU B 124 -27.10 6.05 19.56
N GLN B 125 -26.70 7.14 20.19
CA GLN B 125 -27.67 8.09 20.73
C GLN B 125 -28.35 8.91 19.66
N ASN B 126 -27.64 9.22 18.56
CA ASN B 126 -28.23 9.89 17.39
C ASN B 126 -29.36 9.05 16.80
N SER B 127 -29.23 7.72 16.91
CA SER B 127 -30.26 6.79 16.46
C SER B 127 -31.26 6.42 17.54
N ASN B 128 -31.28 7.20 18.63
CA ASN B 128 -32.22 7.05 19.77
C ASN B 128 -32.09 5.72 20.51
N VAL B 129 -30.96 5.05 20.36
CA VAL B 129 -30.76 3.80 21.08
C VAL B 129 -30.50 4.09 22.56
N HIS B 130 -31.22 3.42 23.47
CA HIS B 130 -30.95 3.60 24.89
C HIS B 130 -29.80 2.69 25.35
N ILE B 131 -28.76 3.29 25.94
CA ILE B 131 -27.55 2.58 26.38
C ILE B 131 -27.70 2.23 27.86
N TYR B 132 -27.73 0.93 28.16
CA TYR B 132 -27.71 0.44 29.53
C TYR B 132 -26.28 0.07 29.89
N GLU B 133 -25.69 0.78 30.85
CA GLU B 133 -24.29 0.53 31.23
C GLU B 133 -24.24 -0.58 32.30
N SER B 134 -24.49 -1.79 31.84
CA SER B 134 -24.56 -2.96 32.69
C SER B 134 -24.44 -4.20 31.84
N ARG B 135 -23.95 -5.26 32.46
CA ARG B 135 -24.08 -6.58 31.87
C ARG B 135 -25.58 -6.85 31.82
N ALA B 136 -26.01 -7.53 30.76
CA ALA B 136 -27.37 -8.06 30.65
C ALA B 136 -27.26 -9.58 30.48
N VAL B 137 -28.17 -10.29 31.13
CA VAL B 137 -28.33 -11.73 31.02
C VAL B 137 -29.79 -12.06 30.75
N PHE B 138 -30.04 -13.20 30.12
CA PHE B 138 -31.42 -13.65 29.89
C PHE B 138 -32.06 -14.14 31.18
N VAL B 139 -33.33 -13.77 31.35
CA VAL B 139 -34.20 -14.31 32.36
C VAL B 139 -35.12 -15.39 31.73
N ASP B 140 -35.60 -15.09 30.54
CA ASP B 140 -36.39 -15.97 29.69
C ASP B 140 -36.24 -15.53 28.20
N GLU B 141 -37.03 -16.13 27.32
CA GLU B 141 -36.92 -15.87 25.90
CA GLU B 141 -37.09 -15.86 25.86
C GLU B 141 -37.05 -14.39 25.45
N HIS B 142 -37.77 -13.57 26.21
CA HIS B 142 -38.00 -12.16 25.86
C HIS B 142 -37.56 -11.16 26.92
N THR B 143 -36.87 -11.62 27.95
CA THR B 143 -36.59 -10.74 29.08
C THR B 143 -35.13 -10.82 29.50
N LEU B 144 -34.52 -9.64 29.66
CA LEU B 144 -33.17 -9.55 30.14
C LEU B 144 -33.16 -8.92 31.51
N GLU B 145 -32.15 -9.28 32.30
CA GLU B 145 -31.90 -8.64 33.56
C GLU B 145 -30.57 -7.90 33.53
N LEU B 146 -30.57 -6.66 34.03
CA LEU B 146 -29.37 -5.86 34.11
C LEU B 146 -28.70 -6.20 35.42
N SER B 147 -27.49 -6.75 35.36
CA SER B 147 -26.73 -7.11 36.56
C SER B 147 -26.56 -6.01 37.60
N VAL B 148 -26.31 -4.77 37.18
CA VAL B 148 -25.93 -3.70 38.13
C VAL B 148 -27.10 -3.35 39.08
N THR B 149 -28.30 -3.30 38.53
CA THR B 149 -29.50 -2.90 39.29
C THR B 149 -30.57 -3.98 39.53
N GLY B 150 -30.53 -5.07 38.78
CA GLY B 150 -31.60 -6.07 38.89
C GLY B 150 -32.82 -5.75 38.02
N GLU B 151 -32.81 -4.63 37.30
CA GLU B 151 -33.93 -4.22 36.42
C GLU B 151 -34.15 -5.25 35.30
N ARG B 152 -35.41 -5.59 35.06
CA ARG B 152 -35.78 -6.46 33.96
C ARG B 152 -36.33 -5.63 32.80
N ILE B 153 -35.89 -5.93 31.59
CA ILE B 153 -36.26 -5.22 30.38
C ILE B 153 -36.75 -6.28 29.41
N SER B 154 -37.89 -6.06 28.77
CA SER B 154 -38.36 -6.99 27.77
C SER B 154 -38.15 -6.49 26.35
N ALA B 155 -38.10 -7.43 25.42
CA ALA B 155 -37.84 -7.09 24.02
C ALA B 155 -38.42 -8.11 23.08
N GLU B 156 -38.89 -7.61 21.94
CA GLU B 156 -39.46 -8.48 20.95
C GLU B 156 -38.42 -9.32 20.29
N LYS B 157 -37.32 -8.68 19.90
CA LYS B 157 -36.20 -9.30 19.22
C LYS B 157 -34.99 -9.08 20.10
N ILE B 158 -34.12 -10.07 20.17
CA ILE B 158 -32.87 -9.95 20.94
C ILE B 158 -31.67 -10.36 20.07
N LEU B 159 -30.61 -9.52 20.10
CA LEU B 159 -29.38 -9.78 19.36
C LEU B 159 -28.23 -10.04 20.33
N ILE B 160 -27.64 -11.22 20.23
CA ILE B 160 -26.51 -11.62 21.04
C ILE B 160 -25.26 -11.19 20.27
N ALA B 161 -24.53 -10.25 20.86
CA ALA B 161 -23.31 -9.68 20.25
C ALA B 161 -22.18 -9.52 21.34
N THR B 162 -21.98 -10.59 22.09
CA THR B 162 -21.14 -10.57 23.28
C THR B 162 -19.66 -10.87 23.06
N GLY B 163 -19.30 -11.11 21.82
CA GLY B 163 -17.88 -11.28 21.45
C GLY B 163 -17.29 -12.58 21.96
N ALA B 164 -15.98 -12.51 22.23
CA ALA B 164 -15.19 -13.60 22.68
C ALA B 164 -14.48 -13.21 24.01
N LYS B 165 -13.83 -14.19 24.60
CA LYS B 165 -13.18 -14.06 25.90
C LYS B 165 -11.92 -14.88 25.84
N ILE B 166 -10.90 -14.46 26.58
CA ILE B 166 -9.67 -15.20 26.70
C ILE B 166 -9.94 -16.53 27.37
N VAL B 167 -9.36 -17.60 26.85
CA VAL B 167 -9.44 -18.90 27.47
C VAL B 167 -8.82 -18.87 28.88
N SER B 168 -9.33 -19.73 29.74
CA SER B 168 -9.00 -19.71 31.17
C SER B 168 -7.52 -19.77 31.54
N ASN B 169 -6.81 -20.76 30.99
CA ASN B 169 -5.39 -20.96 31.30
C ASN B 169 -5.20 -21.60 32.69
N SER B 170 -6.30 -22.08 33.30
CA SER B 170 -6.28 -22.65 34.66
C SER B 170 -4.92 -23.16 35.13
N ILE B 172 -2.18 -23.68 33.58
CA ILE B 172 -0.92 -23.18 34.12
C ILE B 172 -1.05 -22.73 35.59
N LYS B 173 -0.33 -23.41 36.50
CA LYS B 173 -0.12 -22.88 37.87
C LYS B 173 0.48 -21.47 37.82
N GLY B 174 -0.17 -20.51 38.50
CA GLY B 174 0.25 -19.12 38.49
C GLY B 174 -0.28 -18.32 37.29
N SER B 175 -1.28 -18.88 36.59
CA SER B 175 -1.82 -18.23 35.40
C SER B 175 -2.29 -16.83 35.74
N ASP B 176 -2.75 -16.66 36.98
CA ASP B 176 -3.33 -15.42 37.47
C ASP B 176 -2.28 -14.33 37.69
N LEU B 177 -1.02 -14.74 37.73
CA LEU B 177 0.07 -13.79 37.73
C LEU B 177 0.37 -13.19 36.34
N CYS B 178 -0.21 -13.75 35.29
CA CYS B 178 0.11 -13.30 33.95
C CYS B 178 -0.87 -12.24 33.46
N LEU B 179 -0.39 -11.44 32.52
CA LEU B 179 -1.17 -10.44 31.82
C LEU B 179 -1.84 -11.09 30.64
N THR B 180 -2.94 -10.47 30.19
CA THR B 180 -3.50 -10.80 28.89
C THR B 180 -3.58 -9.51 28.03
N SER B 181 -4.18 -9.64 26.83
CA SER B 181 -4.33 -8.49 25.95
C SER B 181 -5.22 -7.45 26.64
N ASN B 182 -6.04 -7.88 27.60
CA ASN B 182 -6.85 -6.94 28.38
C ASN B 182 -6.02 -5.97 29.26
N GLU B 183 -4.80 -6.37 29.61
CA GLU B 183 -3.97 -5.60 30.56
C GLU B 183 -2.71 -5.02 29.93
N ILE B 184 -2.31 -5.58 28.78
CA ILE B 184 -1.01 -5.35 28.17
C ILE B 184 -0.77 -3.90 27.74
N PHE B 185 -1.83 -3.19 27.40
CA PHE B 185 -1.71 -1.81 26.92
C PHE B 185 -1.44 -0.82 28.03
N ASP B 186 -1.72 -1.24 29.27
CA ASP B 186 -1.80 -0.30 30.38
C ASP B 186 -0.74 -0.48 31.45
N LEU B 187 0.32 -1.20 31.13
CA LEU B 187 1.48 -1.36 32.03
C LEU B 187 1.86 -0.02 32.58
N GLU B 188 2.14 0.04 33.88
CA GLU B 188 2.67 1.25 34.50
C GLU B 188 4.01 1.64 33.86
N LYS B 189 4.84 0.66 33.53
CA LYS B 189 6.14 0.97 32.90
C LYS B 189 6.50 -0.01 31.84
N LEU B 190 7.35 0.40 30.91
CA LEU B 190 7.84 -0.56 29.94
C LEU B 190 8.66 -1.60 30.69
N PRO B 191 8.42 -2.90 30.46
CA PRO B 191 9.25 -3.91 31.09
C PRO B 191 10.67 -3.94 30.54
N LYS B 192 11.61 -4.44 31.33
CA LYS B 192 12.97 -4.71 30.87
C LYS B 192 13.03 -5.98 30.01
N SER B 193 12.18 -6.94 30.37
CA SER B 193 12.05 -8.20 29.63
C SER B 193 10.60 -8.68 29.66
N ILE B 194 10.19 -9.47 28.68
CA ILE B 194 8.82 -10.01 28.64
C ILE B 194 8.82 -11.38 28.02
N VAL B 195 7.99 -12.27 28.58
CA VAL B 195 7.72 -13.58 27.98
C VAL B 195 6.29 -13.54 27.41
N ILE B 196 6.14 -13.91 26.13
CA ILE B 196 4.81 -13.95 25.45
C ILE B 196 4.52 -15.41 25.26
N VAL B 197 3.40 -15.92 25.80
CA VAL B 197 3.00 -17.30 25.63
C VAL B 197 1.95 -17.44 24.52
N GLY B 198 2.37 -17.93 23.36
CA GLY B 198 1.47 -18.16 22.24
C GLY B 198 2.03 -17.55 20.96
N GLY B 199 2.04 -18.35 19.90
CA GLY B 199 2.57 -17.94 18.61
C GLY B 199 1.54 -17.77 17.50
N GLY B 200 0.31 -17.43 17.90
CA GLY B 200 -0.66 -16.94 16.93
C GLY B 200 -0.44 -15.45 16.69
N TYR B 201 -1.39 -14.83 15.99
CA TYR B 201 -1.20 -13.46 15.53
C TYR B 201 -1.07 -12.50 16.69
N ILE B 202 -1.79 -12.72 17.79
CA ILE B 202 -1.66 -11.78 18.92
C ILE B 202 -0.25 -11.83 19.54
N GLY B 203 0.24 -13.03 19.79
CA GLY B 203 1.55 -13.17 20.35
C GLY B 203 2.70 -12.64 19.49
N VAL B 204 2.67 -12.92 18.18
CA VAL B 204 3.70 -12.41 17.31
C VAL B 204 3.63 -10.89 17.14
N GLU B 205 2.43 -10.34 17.16
CA GLU B 205 2.29 -8.88 17.04
C GLU B 205 2.93 -8.21 18.25
N PHE B 206 2.60 -8.69 19.45
CA PHE B 206 3.11 -8.09 20.68
C PHE B 206 4.58 -8.39 20.93
N ALA B 207 5.06 -9.57 20.56
CA ALA B 207 6.51 -9.81 20.58
C ALA B 207 7.26 -8.76 19.78
N ASN B 208 6.80 -8.46 18.56
CA ASN B 208 7.50 -7.51 17.75
C ASN B 208 7.35 -6.08 18.25
N ILE B 209 6.21 -5.78 18.84
CA ILE B 209 6.00 -4.46 19.46
C ILE B 209 7.01 -4.25 20.59
N PHE B 210 7.07 -5.17 21.54
CA PHE B 210 7.93 -4.96 22.70
C PHE B 210 9.39 -4.96 22.30
N HIS B 211 9.79 -5.90 21.44
CA HIS B 211 11.18 -5.90 20.94
C HIS B 211 11.52 -4.56 20.30
N GLY B 212 10.62 -4.02 19.47
CA GLY B 212 10.88 -2.72 18.84
C GLY B 212 11.05 -1.56 19.85
N LEU B 213 10.39 -1.66 20.99
CA LEU B 213 10.50 -0.66 22.04
C LEU B 213 11.70 -0.91 22.99
N GLY B 214 12.51 -1.91 22.69
CA GLY B 214 13.78 -2.16 23.39
C GLY B 214 13.69 -3.22 24.48
N VAL B 215 12.60 -3.96 24.52
CA VAL B 215 12.36 -4.97 25.55
C VAL B 215 12.99 -6.29 25.13
N LYS B 216 13.73 -6.93 26.03
CA LYS B 216 14.22 -8.27 25.74
C LYS B 216 13.06 -9.26 25.73
N THR B 217 12.81 -9.87 24.58
CA THR B 217 11.53 -10.53 24.31
C THR B 217 11.76 -12.00 24.04
N THR B 218 11.00 -12.85 24.72
CA THR B 218 10.97 -14.29 24.44
C THR B 218 9.53 -14.72 24.11
N LEU B 219 9.37 -15.44 23.00
CA LEU B 219 8.05 -15.95 22.60
C LEU B 219 8.07 -17.48 22.75
N LEU B 220 7.06 -18.04 23.41
CA LEU B 220 6.92 -19.47 23.59
C LEU B 220 5.79 -19.93 22.69
N HIS B 221 6.02 -21.05 22.04
CA HIS B 221 5.02 -21.64 21.18
C HIS B 221 5.00 -23.16 21.36
N ARG B 222 3.78 -23.73 21.48
CA ARG B 222 3.60 -25.18 21.77
C ARG B 222 4.00 -26.09 20.62
N GLY B 223 3.95 -25.60 19.39
CA GLY B 223 4.26 -26.43 18.22
C GLY B 223 5.63 -26.13 17.64
N ASP B 224 5.81 -26.37 16.34
CA ASP B 224 7.11 -26.32 15.70
C ASP B 224 7.43 -25.00 15.03
N LEU B 225 6.41 -24.17 14.74
CA LEU B 225 6.60 -22.89 14.01
C LEU B 225 5.40 -21.98 14.22
N ILE B 226 5.68 -20.70 14.46
CA ILE B 226 4.65 -19.71 14.65
C ILE B 226 3.63 -19.67 13.51
N LEU B 227 2.46 -19.07 13.84
CA LEU B 227 1.36 -18.86 12.87
C LEU B 227 0.91 -20.12 12.11
N ARG B 228 0.49 -21.13 12.88
CA ARG B 228 -0.16 -22.31 12.34
C ARG B 228 -1.32 -21.83 11.44
N ASN B 229 -1.54 -22.50 10.32
CA ASN B 229 -2.65 -22.19 9.37
C ASN B 229 -2.41 -21.01 8.39
N PHE B 230 -1.27 -20.35 8.50
CA PHE B 230 -0.83 -19.41 7.46
C PHE B 230 0.08 -20.14 6.47
N ASP B 231 0.20 -19.61 5.26
CA ASP B 231 1.12 -20.18 4.28
C ASP B 231 2.54 -20.35 4.89
N TYR B 232 3.18 -21.48 4.61
CA TYR B 232 4.47 -21.83 5.25
C TYR B 232 5.53 -20.74 5.03
N ASP B 233 5.61 -20.16 3.83
CA ASP B 233 6.62 -19.10 3.59
C ASP B 233 6.40 -17.93 4.57
N LEU B 234 5.14 -17.52 4.81
CA LEU B 234 4.90 -16.45 5.77
C LEU B 234 5.38 -16.81 7.19
N ARG B 235 5.15 -18.05 7.57
CA ARG B 235 5.51 -18.48 8.91
C ARG B 235 7.03 -18.46 9.01
N GLN B 236 7.68 -19.04 7.99
CA GLN B 236 9.12 -19.23 8.08
C GLN B 236 9.83 -17.91 7.98
N LEU B 237 9.44 -17.08 7.02
CA LEU B 237 10.15 -15.79 6.85
C LEU B 237 10.00 -14.92 8.08
N LEU B 238 8.81 -14.90 8.69
CA LEU B 238 8.61 -14.10 9.90
C LEU B 238 9.48 -14.65 11.05
N ASN B 239 9.42 -15.96 11.25
CA ASN B 239 10.20 -16.60 12.32
C ASN B 239 11.65 -16.17 12.19
N ASP B 240 12.19 -16.28 10.97
CA ASP B 240 13.59 -16.06 10.76
C ASP B 240 13.97 -14.57 10.96
N ALA B 241 13.10 -13.66 10.58
CA ALA B 241 13.38 -12.23 10.79
C ALA B 241 13.34 -11.88 12.29
N MET B 242 12.45 -12.54 13.03
CA MET B 242 12.32 -12.26 14.46
C MET B 242 13.56 -12.74 15.20
N VAL B 243 14.01 -13.95 14.90
CA VAL B 243 15.19 -14.50 15.52
C VAL B 243 16.43 -13.69 15.14
N ALA B 244 16.54 -13.34 13.88
CA ALA B 244 17.72 -12.60 13.40
C ALA B 244 17.85 -11.26 14.14
N LYS B 245 16.74 -10.63 14.45
CA LYS B 245 16.82 -9.32 15.11
C LYS B 245 16.95 -9.39 16.62
N GLY B 246 16.78 -10.57 17.20
CA GLY B 246 17.08 -10.74 18.63
C GLY B 246 15.94 -11.22 19.53
N ILE B 247 14.82 -11.60 18.93
CA ILE B 247 13.71 -12.18 19.69
C ILE B 247 14.02 -13.69 19.82
N SER B 248 13.88 -14.20 21.03
CA SER B 248 14.04 -15.61 21.30
CA SER B 248 14.06 -15.61 21.31
C SER B 248 12.72 -16.29 21.10
N ILE B 249 12.70 -17.33 20.28
CA ILE B 249 11.52 -18.11 20.06
C ILE B 249 11.83 -19.54 20.48
N ILE B 250 11.08 -20.00 21.46
CA ILE B 250 11.22 -21.31 21.97
C ILE B 250 10.02 -22.13 21.52
N TYR B 251 10.30 -23.23 20.82
CA TYR B 251 9.26 -24.10 20.31
C TYR B 251 9.10 -25.36 21.16
N GLU B 252 8.03 -26.10 20.89
CA GLU B 252 7.60 -27.27 21.60
C GLU B 252 7.50 -26.97 23.10
N ALA B 253 7.10 -25.74 23.40
CA ALA B 253 7.14 -25.19 24.74
C ALA B 253 5.73 -25.20 25.35
N THR B 254 5.58 -25.91 26.47
CA THR B 254 4.37 -25.85 27.30
C THR B 254 4.74 -25.32 28.69
N VAL B 255 4.03 -24.28 29.13
CA VAL B 255 4.29 -23.72 30.44
C VAL B 255 3.66 -24.61 31.48
N SER B 256 4.44 -24.95 32.51
CA SER B 256 3.96 -25.70 33.66
C SER B 256 3.48 -24.73 34.71
N GLN B 257 4.30 -23.75 35.06
CA GLN B 257 3.92 -22.82 36.09
C GLN B 257 4.63 -21.52 35.92
N VAL B 258 4.04 -20.48 36.51
CA VAL B 258 4.66 -19.19 36.58
C VAL B 258 4.77 -18.86 38.08
N GLN B 259 5.98 -18.57 38.53
CA GLN B 259 6.26 -18.30 39.93
C GLN B 259 6.77 -16.88 40.10
N SER B 260 6.32 -16.22 41.17
CA SER B 260 6.78 -14.87 41.52
C SER B 260 8.13 -14.95 42.20
N THR B 261 9.08 -14.14 41.76
CA THR B 261 10.32 -13.92 42.52
C THR B 261 10.47 -12.41 42.62
N GLU B 262 11.39 -11.93 43.45
CA GLU B 262 11.51 -10.50 43.71
C GLU B 262 11.87 -9.66 42.47
N ASN B 263 12.72 -10.22 41.59
CA ASN B 263 13.20 -9.47 40.41
C ASN B 263 12.58 -9.85 39.06
N CYS B 264 11.65 -10.82 39.09
CA CYS B 264 11.00 -11.32 37.89
C CYS B 264 10.11 -12.51 38.12
N TYR B 265 9.23 -12.74 37.16
CA TYR B 265 8.41 -13.94 37.13
C TYR B 265 9.20 -15.06 36.46
N ASN B 266 9.25 -16.19 37.12
CA ASN B 266 9.95 -17.33 36.59
C ASN B 266 8.97 -18.25 35.87
N VAL B 267 9.18 -18.38 34.57
CA VAL B 267 8.33 -19.21 33.75
C VAL B 267 9.01 -20.55 33.58
N VAL B 268 8.36 -21.59 34.10
CA VAL B 268 8.90 -22.91 34.12
C VAL B 268 8.15 -23.73 33.08
N LEU B 269 8.88 -24.32 32.14
CA LEU B 269 8.33 -25.15 31.03
C LEU B 269 8.28 -26.59 31.44
N THR B 270 7.47 -27.41 30.76
CA THR B 270 7.39 -28.83 31.15
C THR B 270 8.69 -29.63 30.93
N ASN B 271 9.60 -29.12 30.10
CA ASN B 271 10.86 -29.80 29.85
C ASN B 271 12.01 -29.38 30.78
N GLY B 272 11.71 -28.52 31.75
CA GLY B 272 12.70 -28.10 32.73
C GLY B 272 13.32 -26.74 32.49
N GLN B 273 13.24 -26.22 31.27
CA GLN B 273 13.82 -24.93 31.00
C GLN B 273 13.02 -23.88 31.78
N THR B 274 13.70 -22.83 32.24
CA THR B 274 13.04 -21.72 32.94
C THR B 274 13.42 -20.40 32.25
N ILE B 275 12.49 -19.45 32.21
CA ILE B 275 12.75 -18.09 31.69
C ILE B 275 12.23 -17.08 32.70
N CYS B 276 13.12 -16.19 33.17
CA CYS B 276 12.74 -15.16 34.16
C CYS B 276 12.59 -13.82 33.46
N ALA B 277 11.38 -13.24 33.54
CA ALA B 277 11.04 -12.02 32.82
C ALA B 277 10.30 -11.10 33.72
N ASP B 278 10.39 -9.79 33.47
CA ASP B 278 9.67 -8.80 34.25
C ASP B 278 8.13 -8.97 34.17
N ARG B 279 7.63 -9.34 33.00
CA ARG B 279 6.19 -9.57 32.81
C ARG B 279 6.03 -10.79 31.92
N VAL B 280 4.87 -11.44 32.06
CA VAL B 280 4.52 -12.60 31.30
C VAL B 280 3.12 -12.35 30.70
N MET B 281 2.99 -12.42 29.37
CA MET B 281 1.68 -12.24 28.74
C MET B 281 1.19 -13.52 28.12
N LEU B 282 -0.06 -13.87 28.41
CA LEU B 282 -0.66 -15.03 27.77
C LEU B 282 -1.44 -14.58 26.52
N ALA B 283 -1.15 -15.23 25.39
CA ALA B 283 -1.87 -14.96 24.16
C ALA B 283 -2.25 -16.29 23.54
N THR B 284 -3.09 -17.04 24.23
CA THR B 284 -3.27 -18.47 23.94
C THR B 284 -4.65 -18.82 23.34
N GLY B 285 -5.42 -17.78 23.01
CA GLY B 285 -6.68 -17.96 22.27
C GLY B 285 -7.87 -17.29 22.98
N ARG B 286 -8.90 -17.01 22.19
CA ARG B 286 -10.16 -16.46 22.67
C ARG B 286 -11.29 -17.35 22.18
N VAL B 287 -12.27 -17.54 23.02
CA VAL B 287 -13.42 -18.38 22.70
C VAL B 287 -14.72 -17.56 22.80
N PRO B 288 -15.79 -17.97 22.12
CA PRO B 288 -17.11 -17.31 22.21
C PRO B 288 -17.55 -17.12 23.66
N ASN B 289 -18.02 -15.90 23.95
CA ASN B 289 -18.39 -15.48 25.29
C ASN B 289 -19.89 -15.77 25.54
N THR B 290 -20.18 -16.99 25.96
CA THR B 290 -21.54 -17.49 26.12
C THR B 290 -21.79 -18.13 27.50
N THR B 291 -20.80 -18.17 28.38
CA THR B 291 -20.97 -18.70 29.77
C THR B 291 -21.61 -17.64 30.63
N GLY B 292 -22.53 -18.06 31.47
CA GLY B 292 -23.15 -17.15 32.44
C GLY B 292 -24.05 -16.11 31.80
N LEU B 293 -24.53 -16.38 30.58
CA LEU B 293 -25.34 -15.42 29.82
C LEU B 293 -26.84 -15.70 29.92
N GLY B 294 -27.21 -16.86 30.45
CA GLY B 294 -28.61 -17.23 30.56
C GLY B 294 -29.12 -17.79 29.27
N LEU B 295 -28.23 -18.21 28.38
CA LEU B 295 -28.73 -18.77 27.09
C LEU B 295 -29.61 -19.98 27.31
N GLU B 296 -29.33 -20.73 28.37
CA GLU B 296 -30.12 -21.90 28.72
C GLU B 296 -31.54 -21.54 29.19
N ARG B 297 -31.73 -20.33 29.69
CA ARG B 297 -33.07 -19.82 29.99
C ARG B 297 -33.84 -19.48 28.73
N ALA B 298 -33.15 -19.02 27.70
CA ALA B 298 -33.80 -18.66 26.43
C ALA B 298 -33.98 -19.84 25.52
N GLY B 299 -33.32 -20.95 25.83
CA GLY B 299 -33.35 -22.11 24.93
C GLY B 299 -32.47 -21.99 23.69
N VAL B 300 -31.46 -21.12 23.75
CA VAL B 300 -30.57 -20.87 22.59
C VAL B 300 -29.49 -21.91 22.53
N LYS B 301 -29.35 -22.54 21.37
CA LYS B 301 -28.38 -23.63 21.22
C LYS B 301 -26.93 -23.10 21.08
N VAL B 302 -26.05 -23.71 21.86
CA VAL B 302 -24.64 -23.45 21.87
C VAL B 302 -23.92 -24.76 21.60
N ASN B 303 -22.91 -24.76 20.74
CA ASN B 303 -22.25 -25.99 20.32
C ASN B 303 -21.09 -26.33 21.23
N GLU B 304 -20.40 -27.42 20.93
CA GLU B 304 -19.30 -27.92 21.77
C GLU B 304 -18.10 -26.94 21.88
N PHE B 305 -18.02 -25.96 20.97
CA PHE B 305 -16.97 -25.00 20.99
C PHE B 305 -17.43 -23.72 21.64
N GLY B 306 -18.61 -23.74 22.28
CA GLY B 306 -19.13 -22.54 22.94
C GLY B 306 -19.77 -21.52 22.03
N ALA B 307 -19.89 -21.85 20.75
CA ALA B 307 -20.44 -20.91 19.79
C ALA B 307 -21.98 -20.94 19.85
N VAL B 308 -22.61 -19.77 19.77
CA VAL B 308 -24.01 -19.67 19.45
C VAL B 308 -24.22 -20.11 17.96
N VAL B 309 -25.06 -21.12 17.76
CA VAL B 309 -25.33 -21.64 16.45
C VAL B 309 -26.33 -20.72 15.75
N VAL B 310 -25.94 -20.22 14.57
CA VAL B 310 -26.81 -19.40 13.76
C VAL B 310 -26.99 -19.98 12.37
N ASP B 311 -28.10 -19.63 11.75
CA ASP B 311 -28.35 -20.09 10.41
C ASP B 311 -27.81 -19.04 9.45
N GLU B 312 -28.13 -19.24 8.19
CA GLU B 312 -27.72 -18.33 7.14
C GLU B 312 -28.32 -16.93 7.22
N LYS B 313 -29.31 -16.70 8.09
CA LYS B 313 -29.86 -15.37 8.29
C LYS B 313 -29.40 -14.77 9.65
N MET B 314 -28.43 -15.42 10.28
CA MET B 314 -27.89 -15.02 11.60
C MET B 314 -28.91 -15.31 12.75
N THR B 315 -29.89 -16.16 12.47
CA THR B 315 -30.93 -16.53 13.45
C THR B 315 -30.43 -17.73 14.29
N THR B 316 -30.67 -17.63 15.58
CA THR B 316 -30.58 -18.81 16.45
C THR B 316 -31.74 -19.80 16.19
N ASN B 317 -31.75 -20.89 16.96
CA ASN B 317 -32.89 -21.81 16.98
C ASN B 317 -34.16 -21.24 17.62
N VAL B 318 -34.08 -20.05 18.21
CA VAL B 318 -35.24 -19.32 18.69
C VAL B 318 -35.49 -18.14 17.75
N SER B 319 -36.65 -18.16 17.10
CA SER B 319 -36.90 -17.38 15.90
C SER B 319 -36.78 -15.84 16.08
N HIS B 320 -36.89 -15.32 17.30
CA HIS B 320 -36.71 -13.87 17.61
C HIS B 320 -35.36 -13.53 18.26
N ILE B 321 -34.45 -14.51 18.27
CA ILE B 321 -33.11 -14.31 18.82
C ILE B 321 -32.07 -14.55 17.71
N TRP B 322 -31.21 -13.54 17.51
CA TRP B 322 -30.17 -13.58 16.47
C TRP B 322 -28.85 -13.41 17.16
N ALA B 323 -27.73 -13.62 16.45
CA ALA B 323 -26.38 -13.42 17.03
C ALA B 323 -25.43 -13.05 15.89
N VAL B 324 -24.43 -12.22 16.18
CA VAL B 324 -23.48 -11.74 15.19
C VAL B 324 -22.10 -11.73 15.85
N GLY B 325 -21.06 -11.89 15.04
CA GLY B 325 -19.72 -11.64 15.49
C GLY B 325 -19.01 -12.82 16.01
N ASP B 326 -18.02 -12.58 16.90
CA ASP B 326 -17.15 -13.64 17.43
C ASP B 326 -17.95 -14.70 18.16
N VAL B 327 -19.07 -14.28 18.78
CA VAL B 327 -19.85 -15.21 19.60
C VAL B 327 -20.44 -16.40 18.77
N THR B 328 -20.52 -16.25 17.45
CA THR B 328 -21.11 -17.24 16.59
C THR B 328 -20.10 -18.27 16.14
N GLY B 329 -18.82 -18.09 16.52
CA GLY B 329 -17.85 -19.15 16.32
C GLY B 329 -17.04 -19.10 15.04
N HIS B 330 -17.33 -18.15 14.18
CA HIS B 330 -16.50 -18.00 12.96
C HIS B 330 -15.23 -17.21 13.26
N ILE B 331 -14.42 -16.98 12.21
CA ILE B 331 -13.14 -16.28 12.35
C ILE B 331 -13.39 -14.97 13.09
N GLN B 332 -12.47 -14.64 13.99
CA GLN B 332 -12.68 -13.53 14.89
C GLN B 332 -12.02 -12.28 14.29
N LEU B 333 -12.83 -11.52 13.56
CA LEU B 333 -12.38 -10.30 12.88
C LEU B 333 -13.46 -9.24 12.97
N THR B 334 -13.03 -8.01 13.14
CA THR B 334 -13.96 -6.94 13.25
C THR B 334 -14.78 -6.74 11.97
N PRO B 335 -14.15 -6.77 10.79
CA PRO B 335 -14.97 -6.57 9.59
C PRO B 335 -16.02 -7.63 9.37
N VAL B 336 -15.75 -8.84 9.83
CA VAL B 336 -16.69 -9.92 9.72
C VAL B 336 -17.87 -9.72 10.67
N ALA B 337 -17.58 -9.29 11.90
CA ALA B 337 -18.65 -8.91 12.85
C ALA B 337 -19.56 -7.78 12.29
N ILE B 338 -18.97 -6.77 11.65
CA ILE B 338 -19.74 -5.68 11.00
C ILE B 338 -20.61 -6.25 9.86
N HIS B 339 -20.01 -7.07 9.00
CA HIS B 339 -20.69 -7.79 7.92
C HIS B 339 -21.90 -8.56 8.44
N ASP B 340 -21.66 -9.35 9.50
CA ASP B 340 -22.76 -10.09 10.18
C ASP B 340 -23.91 -9.13 10.56
N ALA B 341 -23.55 -7.98 11.16
CA ALA B 341 -24.55 -7.01 11.62
C ALA B 341 -25.37 -6.48 10.49
N MET B 342 -24.71 -6.20 9.35
CA MET B 342 -25.43 -5.72 8.19
C MET B 342 -26.39 -6.78 7.69
N CYS B 343 -25.94 -8.03 7.68
CA CYS B 343 -26.79 -9.15 7.26
CA CYS B 343 -26.77 -9.16 7.27
C CYS B 343 -27.99 -9.28 8.20
N PHE B 344 -27.73 -9.13 9.50
CA PHE B 344 -28.81 -9.23 10.49
C PHE B 344 -29.89 -8.16 10.29
N VAL B 345 -29.50 -6.92 10.04
CA VAL B 345 -30.47 -5.83 9.89
C VAL B 345 -31.36 -6.02 8.66
N LYS B 346 -30.75 -6.37 7.54
CA LYS B 346 -31.50 -6.75 6.32
C LYS B 346 -32.50 -7.91 6.55
N ASN B 347 -32.08 -9.00 7.17
CA ASN B 347 -32.97 -10.16 7.37
C ASN B 347 -34.10 -9.94 8.39
N ALA B 348 -33.77 -9.30 9.52
CA ALA B 348 -34.73 -9.20 10.62
C ALA B 348 -35.83 -8.21 10.28
N PHE B 349 -35.46 -7.15 9.58
CA PHE B 349 -36.38 -6.06 9.31
C PHE B 349 -36.80 -5.93 7.82
N GLU B 350 -36.32 -6.81 6.95
CA GLU B 350 -36.72 -6.74 5.52
C GLU B 350 -37.04 -8.14 4.96
N ASN B 351 -37.60 -8.15 3.75
CA ASN B 351 -37.83 -9.37 3.00
C ASN B 351 -36.73 -9.52 1.93
N THR B 352 -35.56 -9.95 2.37
CA THR B 352 -34.37 -9.88 1.54
C THR B 352 -33.27 -10.50 2.29
N SER B 353 -33.11 -11.82 2.18
CA SER B 353 -32.02 -12.49 2.90
C SER B 353 -30.66 -12.16 2.27
N THR B 354 -29.97 -11.16 2.85
CA THR B 354 -28.55 -11.12 2.69
C THR B 354 -28.16 -12.41 3.42
N THR B 355 -27.22 -13.15 2.87
CA THR B 355 -26.60 -14.23 3.62
C THR B 355 -25.12 -13.87 3.77
N PRO B 356 -24.49 -14.21 4.91
CA PRO B 356 -23.09 -13.81 5.05
C PRO B 356 -22.17 -14.59 4.12
N ASP B 357 -21.04 -13.98 3.81
CA ASP B 357 -20.09 -14.53 2.88
C ASP B 357 -18.70 -14.50 3.53
N TYR B 358 -18.22 -15.68 3.90
CA TYR B 358 -16.94 -15.81 4.59
C TYR B 358 -15.88 -16.44 3.67
N ASP B 359 -16.12 -16.40 2.37
CA ASP B 359 -15.13 -16.87 1.41
C ASP B 359 -14.16 -15.75 1.04
N LEU B 360 -12.89 -16.15 0.88
CA LEU B 360 -11.81 -15.31 0.38
C LEU B 360 -11.64 -14.04 1.24
N ILE B 361 -11.75 -14.21 2.54
CA ILE B 361 -11.46 -13.12 3.48
C ILE B 361 -9.95 -12.88 3.58
N THR B 362 -9.54 -11.65 3.29
CA THR B 362 -8.17 -11.23 3.49
C THR B 362 -7.91 -10.94 4.94
N THR B 363 -6.75 -11.38 5.42
CA THR B 363 -6.31 -11.12 6.75
C THR B 363 -4.91 -10.54 6.77
N ALA B 364 -4.65 -9.75 7.82
CA ALA B 364 -3.36 -9.14 8.05
C ALA B 364 -2.83 -9.57 9.40
N VAL B 365 -1.49 -9.62 9.56
CA VAL B 365 -0.87 -9.70 10.88
C VAL B 365 0.10 -8.55 10.97
N PHE B 366 -0.04 -7.67 11.98
CA PHE B 366 0.85 -6.54 12.17
C PHE B 366 2.05 -6.92 12.99
N SER B 367 2.64 -8.00 12.53
CA SER B 367 3.97 -8.39 12.93
C SER B 367 4.97 -7.44 12.23
N GLN B 368 6.25 -7.63 12.55
CA GLN B 368 7.32 -6.92 11.87
C GLN B 368 8.40 -7.94 11.51
N PRO B 369 8.50 -8.28 10.24
CA PRO B 369 7.71 -7.81 9.10
C PRO B 369 6.22 -8.18 9.13
N GLU B 370 5.43 -7.31 8.52
CA GLU B 370 4.01 -7.40 8.37
C GLU B 370 3.64 -8.50 7.37
N ILE B 371 2.45 -9.06 7.58
CA ILE B 371 1.92 -10.11 6.74
C ILE B 371 0.52 -9.72 6.24
N GLY B 372 0.26 -10.06 4.98
CA GLY B 372 -1.06 -10.05 4.38
C GLY B 372 -1.29 -11.33 3.62
N THR B 373 -2.52 -11.85 3.69
CA THR B 373 -2.82 -13.13 3.06
C THR B 373 -4.32 -13.23 2.69
N VAL B 374 -4.58 -13.81 1.55
CA VAL B 374 -5.95 -14.07 1.07
C VAL B 374 -5.96 -15.35 0.30
N GLY B 375 -7.02 -16.12 0.48
CA GLY B 375 -7.16 -17.38 -0.26
C GLY B 375 -6.21 -18.46 0.21
N LEU B 376 -5.93 -19.40 -0.68
CA LEU B 376 -5.28 -20.64 -0.30
C LEU B 376 -3.77 -20.54 -0.20
N SER B 377 -3.25 -21.05 0.92
CA SER B 377 -1.80 -21.36 1.02
C SER B 377 -1.35 -22.28 -0.09
N GLU B 378 -0.07 -22.22 -0.37
CA GLU B 378 0.52 -23.10 -1.33
C GLU B 378 0.18 -24.57 -1.06
N GLU B 379 0.27 -25.00 0.19
CA GLU B 379 0.05 -26.40 0.51
C GLU B 379 -1.44 -26.81 0.36
N ASP B 380 -2.35 -25.98 0.86
CA ASP B 380 -3.77 -26.27 0.68
C ASP B 380 -4.09 -26.35 -0.81
N ALA B 381 -3.55 -25.45 -1.61
CA ALA B 381 -3.80 -25.40 -3.05
C ALA B 381 -3.37 -26.69 -3.77
N LEU B 382 -2.17 -27.19 -3.44
CA LEU B 382 -1.58 -28.31 -4.15
C LEU B 382 -2.34 -29.61 -3.91
N HIS B 383 -3.05 -29.72 -2.79
CA HIS B 383 -3.97 -30.83 -2.54
C HIS B 383 -5.33 -30.65 -3.19
N ARG B 384 -5.76 -29.39 -3.32
CA ARG B 384 -7.08 -29.04 -3.85
C ARG B 384 -7.19 -29.13 -5.39
N TYR B 385 -6.11 -28.80 -6.09
CA TYR B 385 -6.16 -28.64 -7.54
C TYR B 385 -5.19 -29.58 -8.21
N LYS B 386 -5.56 -30.10 -9.40
CA LYS B 386 -4.65 -30.99 -10.14
C LYS B 386 -3.35 -30.26 -10.56
N ARG B 387 -3.46 -28.99 -10.94
CA ARG B 387 -2.28 -28.22 -11.35
C ARG B 387 -2.25 -26.86 -10.67
N VAL B 388 -1.13 -26.58 -10.01
CA VAL B 388 -0.93 -25.33 -9.27
C VAL B 388 0.39 -24.72 -9.71
N GLU B 389 0.30 -23.49 -10.19
CA GLU B 389 1.43 -22.71 -10.63
C GLU B 389 1.73 -21.73 -9.48
N ILE B 390 3.00 -21.62 -9.13
CA ILE B 390 3.46 -20.74 -8.05
C ILE B 390 4.34 -19.62 -8.62
N TYR B 391 3.98 -18.38 -8.33
CA TYR B 391 4.75 -17.24 -8.75
C TYR B 391 5.22 -16.58 -7.46
N ARG B 392 6.52 -16.70 -7.21
CA ARG B 392 7.14 -16.34 -5.94
C ARG B 392 8.31 -15.40 -6.15
N THR B 393 8.36 -14.34 -5.35
CA THR B 393 9.50 -13.44 -5.40
C THR B 393 9.83 -12.91 -4.03
N VAL B 394 11.13 -12.86 -3.72
CA VAL B 394 11.63 -12.22 -2.50
C VAL B 394 12.63 -11.20 -3.03
N PHE B 395 12.44 -9.93 -2.74
CA PHE B 395 13.33 -8.93 -3.28
C PHE B 395 13.61 -7.84 -2.25
N ARG B 396 14.68 -7.09 -2.45
CA ARG B 396 15.00 -5.96 -1.61
C ARG B 396 14.35 -4.72 -2.21
N PRO B 397 13.43 -4.08 -1.46
CA PRO B 397 12.89 -2.82 -1.96
C PRO B 397 13.95 -1.75 -2.16
N MET B 398 13.71 -0.88 -3.12
CA MET B 398 14.67 0.15 -3.47
C MET B 398 15.17 0.95 -2.23
N ARG B 399 14.26 1.29 -1.34
CA ARG B 399 14.57 2.05 -0.15
C ARG B 399 15.61 1.35 0.74
N ASN B 400 15.60 0.03 0.77
CA ASN B 400 16.53 -0.72 1.61
C ASN B 400 17.91 -0.82 1.01
N VAL B 401 18.00 -0.78 -0.33
CA VAL B 401 19.28 -0.62 -1.03
C VAL B 401 20.19 0.40 -0.38
N LEU B 402 19.75 1.66 -0.30
CA LEU B 402 20.55 2.73 0.30
C LEU B 402 20.74 2.58 1.81
N SER B 403 19.69 2.14 2.49
CA SER B 403 19.68 2.12 3.95
C SER B 403 20.50 0.95 4.53
N GLY B 404 20.78 -0.08 3.74
CA GLY B 404 21.56 -1.21 4.23
C GLY B 404 20.71 -2.08 5.16
N SER B 405 19.40 -1.98 5.01
CA SER B 405 18.50 -2.72 5.85
C SER B 405 18.38 -4.17 5.32
N PRO B 406 18.26 -5.14 6.23
CA PRO B 406 18.03 -6.53 5.82
C PRO B 406 16.59 -6.86 5.38
N GLU B 407 15.70 -5.89 5.43
CA GLU B 407 14.29 -6.16 5.18
C GLU B 407 14.06 -6.41 3.70
N LYS B 408 13.39 -7.53 3.44
CA LYS B 408 12.95 -7.95 2.11
C LYS B 408 11.45 -7.73 1.95
N MET B 409 10.98 -7.91 0.72
CA MET B 409 9.56 -7.99 0.43
C MET B 409 9.38 -9.37 -0.19
N PHE B 410 8.36 -10.06 0.27
CA PHE B 410 8.00 -11.37 -0.25
C PHE B 410 6.60 -11.31 -0.84
N MET B 411 6.42 -11.79 -2.07
CA MET B 411 5.08 -11.83 -2.69
C MET B 411 4.93 -13.19 -3.37
N LYS B 412 3.80 -13.84 -3.17
CA LYS B 412 3.58 -15.12 -3.83
C LYS B 412 2.13 -15.22 -4.34
N LEU B 413 1.96 -15.58 -5.60
CA LEU B 413 0.62 -15.85 -6.13
C LEU B 413 0.50 -17.35 -6.38
N VAL B 414 -0.64 -17.91 -5.99
CA VAL B 414 -0.89 -19.32 -6.08
C VAL B 414 -2.00 -19.44 -7.13
N VAL B 415 -1.73 -20.20 -8.17
CA VAL B 415 -2.61 -20.15 -9.36
C VAL B 415 -3.13 -21.56 -9.71
N ASP B 416 -4.42 -21.66 -10.04
CA ASP B 416 -4.97 -22.91 -10.52
C ASP B 416 -4.60 -22.96 -11.98
N GLY B 417 -3.72 -23.88 -12.34
CA GLY B 417 -3.23 -24.04 -13.72
C GLY B 417 -4.26 -24.36 -14.79
N GLU B 418 -5.39 -24.96 -14.42
CA GLU B 418 -6.40 -25.30 -15.41
C GLU B 418 -7.30 -24.11 -15.69
N SER B 419 -7.77 -23.42 -14.66
CA SER B 419 -8.65 -22.24 -14.86
C SER B 419 -7.85 -20.93 -15.07
N ARG B 420 -6.58 -20.94 -14.70
CA ARG B 420 -5.73 -19.73 -14.62
C ARG B 420 -6.16 -18.75 -13.50
N ILE B 421 -7.16 -19.11 -12.69
CA ILE B 421 -7.59 -18.22 -11.59
C ILE B 421 -6.51 -18.14 -10.48
N VAL B 422 -6.24 -16.92 -10.01
CA VAL B 422 -5.37 -16.73 -8.83
C VAL B 422 -6.23 -17.09 -7.64
N VAL B 423 -5.85 -18.18 -6.97
CA VAL B 423 -6.58 -18.73 -5.85
C VAL B 423 -6.00 -18.43 -4.48
N GLY B 424 -4.80 -17.87 -4.45
CA GLY B 424 -4.18 -17.46 -3.19
C GLY B 424 -3.14 -16.37 -3.44
N ALA B 425 -2.94 -15.48 -2.46
CA ALA B 425 -1.94 -14.43 -2.55
C ALA B 425 -1.45 -14.13 -1.13
N HIS B 426 -0.13 -14.06 -1.01
CA HIS B 426 0.58 -14.00 0.28
C HIS B 426 1.72 -13.00 0.20
N VAL B 427 1.81 -12.11 1.19
CA VAL B 427 2.70 -10.97 1.14
C VAL B 427 3.32 -10.83 2.52
N LEU B 428 4.62 -10.59 2.55
CA LEU B 428 5.31 -10.28 3.78
C LEU B 428 6.28 -9.16 3.51
N GLY B 429 6.27 -8.14 4.37
CA GLY B 429 7.09 -6.96 4.24
C GLY B 429 6.23 -5.72 4.42
N GLU B 430 6.81 -4.60 4.05
CA GLU B 430 6.23 -3.29 4.35
C GLU B 430 4.79 -3.13 3.75
N ASN B 431 3.82 -2.77 4.61
CA ASN B 431 2.44 -2.55 4.22
C ASN B 431 1.77 -3.78 3.61
N ALA B 432 2.24 -4.97 3.99
CA ALA B 432 1.72 -6.22 3.45
C ALA B 432 0.18 -6.33 3.62
N GLY B 433 -0.35 -5.84 4.73
CA GLY B 433 -1.81 -5.80 4.92
C GLY B 433 -2.56 -4.95 3.90
N GLU B 434 -2.08 -3.73 3.66
CA GLU B 434 -2.64 -2.86 2.63
C GLU B 434 -2.60 -3.57 1.28
N ILE B 435 -1.45 -4.13 0.94
CA ILE B 435 -1.29 -4.79 -0.34
C ILE B 435 -2.23 -5.96 -0.51
N ALA B 436 -2.33 -6.79 0.50
CA ALA B 436 -3.19 -7.94 0.44
C ALA B 436 -4.68 -7.55 0.34
N GLN B 437 -5.10 -6.52 1.08
CA GLN B 437 -6.49 -6.02 0.95
C GLN B 437 -6.85 -5.80 -0.51
N LEU B 438 -5.92 -5.17 -1.24
CA LEU B 438 -6.16 -4.75 -2.59
C LEU B 438 -6.12 -5.91 -3.55
N ILE B 439 -5.16 -6.80 -3.41
CA ILE B 439 -5.14 -8.03 -4.19
C ILE B 439 -6.43 -8.84 -3.93
N GLY B 440 -6.96 -8.73 -2.71
CA GLY B 440 -8.13 -9.46 -2.32
C GLY B 440 -9.37 -9.11 -3.16
N ILE B 441 -9.43 -7.88 -3.62
CA ILE B 441 -10.49 -7.46 -4.51
C ILE B 441 -10.39 -8.21 -5.84
N SER B 442 -9.18 -8.30 -6.38
CA SER B 442 -8.93 -9.04 -7.61
C SER B 442 -9.27 -10.51 -7.45
N LEU B 443 -8.88 -11.12 -6.33
CA LEU B 443 -9.21 -12.53 -6.05
C LEU B 443 -10.71 -12.75 -5.85
N LYS B 444 -11.39 -11.82 -5.17
CA LYS B 444 -12.88 -11.89 -5.04
C LYS B 444 -13.52 -11.93 -6.43
N GLY B 445 -12.92 -11.23 -7.38
CA GLY B 445 -13.34 -11.18 -8.75
C GLY B 445 -12.95 -12.38 -9.61
N LYS B 446 -12.18 -13.30 -9.03
CA LYS B 446 -11.66 -14.50 -9.71
C LYS B 446 -10.87 -14.15 -10.96
N LEU B 447 -10.14 -13.05 -10.88
CA LEU B 447 -9.34 -12.65 -12.03
C LEU B 447 -8.25 -13.67 -12.26
N THR B 448 -7.91 -13.85 -13.53
CA THR B 448 -6.93 -14.83 -13.92
C THR B 448 -5.55 -14.18 -13.90
N LYS B 449 -4.54 -15.03 -13.83
CA LYS B 449 -3.17 -14.60 -13.78
C LYS B 449 -2.82 -13.75 -15.02
N ASP B 450 -3.45 -14.07 -16.16
CA ASP B 450 -3.29 -13.31 -17.39
C ASP B 450 -3.67 -11.83 -17.25
N ILE B 451 -4.65 -11.52 -16.42
CA ILE B 451 -5.08 -10.14 -16.25
C ILE B 451 -4.06 -9.39 -15.39
N PHE B 452 -3.51 -10.05 -14.38
CA PHE B 452 -2.40 -9.48 -13.62
C PHE B 452 -1.28 -9.10 -14.57
N ASP B 453 -0.89 -10.03 -15.45
CA ASP B 453 0.24 -9.79 -16.36
C ASP B 453 -0.04 -8.67 -17.37
N LYS B 454 -1.31 -8.49 -17.72
CA LYS B 454 -1.73 -7.48 -18.70
C LYS B 454 -1.75 -6.08 -18.08
N THR B 455 -1.75 -6.01 -16.77
CA THR B 455 -1.84 -4.73 -16.07
C THR B 455 -0.51 -4.01 -16.17
N MET B 456 -0.52 -2.79 -16.68
CA MET B 456 0.69 -2.01 -16.78
C MET B 456 1.29 -1.73 -15.38
N ALA B 457 2.60 -1.94 -15.27
CA ALA B 457 3.36 -1.56 -14.09
C ALA B 457 3.39 -0.04 -13.86
N VAL B 458 3.37 0.33 -12.58
CA VAL B 458 3.67 1.66 -12.11
C VAL B 458 5.08 1.63 -11.54
N HIS B 459 5.97 2.48 -12.06
CA HIS B 459 7.39 2.43 -11.70
C HIS B 459 7.79 3.80 -11.11
N PRO B 460 8.61 3.81 -10.06
CA PRO B 460 9.08 2.70 -9.28
C PRO B 460 8.17 2.42 -8.08
N THR B 461 7.69 1.19 -7.99
CA THR B 461 6.93 0.76 -6.83
C THR B 461 7.39 -0.63 -6.43
N MET B 462 6.93 -1.10 -5.27
CA MET B 462 7.06 -2.50 -4.88
C MET B 462 5.99 -3.32 -5.54
N SER B 463 4.80 -2.75 -5.66
CA SER B 463 3.66 -3.51 -6.17
C SER B 463 3.78 -3.93 -7.63
N GLU B 464 4.63 -3.23 -8.39
CA GLU B 464 4.79 -3.59 -9.81
C GLU B 464 5.34 -5.00 -10.01
N GLU B 465 6.02 -5.55 -9.01
CA GLU B 465 6.51 -6.94 -9.11
C GLU B 465 5.36 -7.92 -9.33
N LEU B 466 4.17 -7.60 -8.87
CA LEU B 466 3.00 -8.49 -8.97
C LEU B 466 2.45 -8.58 -10.38
N VAL B 467 2.77 -7.61 -11.25
CA VAL B 467 2.21 -7.62 -12.58
C VAL B 467 3.25 -7.99 -13.65
N THR B 468 4.44 -8.41 -13.21
CA THR B 468 5.54 -8.74 -14.11
C THR B 468 6.17 -10.10 -13.82
N MET B 469 5.49 -10.95 -13.03
CA MET B 469 5.97 -12.31 -12.84
C MET B 469 5.45 -13.24 -13.91
N TYR B 470 5.94 -13.04 -15.13
CA TYR B 470 5.36 -13.67 -16.29
C TYR B 470 5.54 -15.19 -16.28
N LYS B 471 6.71 -15.66 -15.86
CA LYS B 471 6.97 -17.11 -15.82
C LYS B 471 6.83 -17.65 -14.38
N PRO B 472 6.27 -18.85 -14.24
CA PRO B 472 6.17 -19.44 -12.91
C PRO B 472 7.53 -19.74 -12.30
N SER B 473 7.63 -19.67 -10.97
CA SER B 473 8.80 -20.14 -10.21
C SER B 473 8.88 -21.67 -10.29
N TYR B 474 7.73 -22.32 -10.12
CA TYR B 474 7.62 -23.75 -10.34
C TYR B 474 6.15 -24.16 -10.38
N VAL B 475 5.89 -25.43 -10.63
CA VAL B 475 4.51 -25.89 -10.83
C VAL B 475 4.31 -27.25 -10.17
N TYR B 476 3.12 -27.49 -9.65
CA TYR B 476 2.73 -28.80 -9.17
C TYR B 476 1.73 -29.43 -10.14
N GLU B 477 1.87 -30.72 -10.35
CA GLU B 477 0.86 -31.54 -11.03
C GLU B 477 0.56 -32.71 -10.09
N ASN B 478 -0.71 -32.89 -9.75
CA ASN B 478 -1.13 -33.97 -8.85
C ASN B 478 -0.30 -34.00 -7.57
N GLY B 479 -0.15 -32.84 -6.96
CA GLY B 479 0.52 -32.72 -5.67
C GLY B 479 2.04 -32.76 -5.67
N GLU B 480 2.67 -32.92 -6.84
CA GLU B 480 4.09 -33.20 -6.92
C GLU B 480 4.77 -32.10 -7.73
N LYS B 481 5.82 -31.51 -7.18
CA LYS B 481 6.49 -30.38 -7.81
C LYS B 481 7.31 -30.87 -9.00
N LEU B 482 7.24 -30.18 -10.13
CA LEU B 482 8.01 -30.58 -11.32
C LEU B 482 9.40 -29.95 -11.33
N ASP B 483 10.40 -30.70 -11.80
CA ASP B 483 11.82 -30.32 -11.65
C ASP B 483 12.24 -29.23 -12.65
#